data_5K90
#
_entry.id   5K90
#
_cell.length_a   51.759
_cell.length_b   54.631
_cell.length_c   94.096
_cell.angle_alpha   99.800
_cell.angle_beta   94.820
_cell.angle_gamma   99.170
#
_symmetry.space_group_name_H-M   'P 1'
#
loop_
_entity.id
_entity.type
_entity.pdbx_description
1 polymer 'Chlorite dismutase'
2 non-polymer isothiocyanate
3 non-polymer 'PROTOPORPHYRIN IX CONTAINING FE'
4 non-polymer GLYCEROL
5 non-polymer 'SULFATE ION'
6 non-polymer 'MAGNESIUM ION'
7 water water
#
_entity_poly.entity_id   1
_entity_poly.type   'polypeptide(L)'
_entity_poly.pdbx_seq_one_letter_code
;GPGYQDPNNRYSFIGGRTGQWQVVKIRNVLGPGLQLVEKVNILNGAVAEIPLDSAWRLQGFASNIRYAIRTELEALQAVQ
PMLNRAEAILAVLIPIKKSAQWWEMAQDERRDIFERESHHTAVGLEYLPGVARRLLHCRDLGEEFDFLTWFEFAPEHSSA
FNELLLRMRASKEWEYVEREVEVWLKRL
;
_entity_poly.pdbx_strand_id   A,B,C,D
#
# COMPACT_ATOMS: atom_id res chain seq x y z
N ASN A 8 -12.31 1.59 -22.00
CA ASN A 8 -13.71 1.95 -21.91
C ASN A 8 -14.54 0.77 -21.39
N ASN A 9 -15.49 1.08 -20.52
CA ASN A 9 -16.27 0.05 -19.85
C ASN A 9 -17.63 -0.19 -20.48
N ARG A 10 -17.98 0.51 -21.56
CA ARG A 10 -19.28 0.34 -22.24
C ARG A 10 -19.14 -0.59 -23.44
N TYR A 11 -20.14 -1.45 -23.60
CA TYR A 11 -20.19 -2.38 -24.73
C TYR A 11 -21.56 -2.31 -25.36
N SER A 12 -21.59 -2.34 -26.70
CA SER A 12 -22.84 -2.36 -27.47
C SER A 12 -22.90 -3.62 -28.31
N PHE A 13 -24.08 -4.19 -28.37
CA PHE A 13 -24.33 -5.39 -29.15
C PHE A 13 -25.43 -5.06 -30.16
N ILE A 14 -25.10 -5.08 -31.45
CA ILE A 14 -26.02 -4.62 -32.49
C ILE A 14 -26.43 -5.84 -33.31
N GLY A 15 -27.73 -6.16 -33.29
CA GLY A 15 -28.23 -7.31 -34.03
C GLY A 15 -28.54 -6.82 -35.42
N GLY A 16 -28.01 -7.52 -36.43
CA GLY A 16 -28.12 -6.96 -37.77
C GLY A 16 -27.41 -7.78 -38.81
N ARG A 17 -26.88 -7.10 -39.82
CA ARG A 17 -26.25 -7.76 -40.97
C ARG A 17 -24.75 -7.87 -40.85
N THR A 18 -24.14 -7.18 -39.88
CA THR A 18 -22.69 -7.14 -39.78
C THR A 18 -22.26 -7.57 -38.38
N GLY A 19 -20.99 -7.97 -38.27
CA GLY A 19 -20.42 -8.28 -37.00
C GLY A 19 -19.45 -9.43 -37.00
N GLN A 20 -18.90 -9.68 -35.80
CA GLN A 20 -17.92 -10.72 -35.56
C GLN A 20 -18.55 -12.07 -35.26
N TRP A 21 -19.86 -12.10 -35.04
CA TRP A 21 -20.56 -13.32 -34.63
C TRP A 21 -21.76 -13.60 -35.52
N GLN A 22 -21.86 -14.85 -35.99
CA GLN A 22 -23.04 -15.30 -36.69
C GLN A 22 -24.07 -15.79 -35.69
N VAL A 23 -25.33 -15.37 -35.84
CA VAL A 23 -26.39 -15.89 -34.98
C VAL A 23 -26.72 -17.33 -35.39
N VAL A 24 -26.70 -18.24 -34.42
CA VAL A 24 -27.15 -19.63 -34.68
C VAL A 24 -28.64 -19.74 -34.41
N LYS A 25 -29.14 -19.16 -33.31
CA LYS A 25 -30.56 -19.20 -33.01
C LYS A 25 -30.82 -18.22 -31.90
N ILE A 26 -32.08 -17.85 -31.74
CA ILE A 26 -32.53 -17.03 -30.61
C ILE A 26 -33.69 -17.75 -29.97
N ARG A 27 -33.59 -17.98 -28.67
CA ARG A 27 -34.67 -18.55 -27.88
C ARG A 27 -35.24 -17.46 -27.00
N ASN A 28 -36.51 -17.13 -27.20
CA ASN A 28 -37.20 -16.08 -26.44
C ASN A 28 -37.82 -16.71 -25.20
N VAL A 29 -36.98 -16.85 -24.17
CA VAL A 29 -37.29 -17.68 -23.02
C VAL A 29 -38.46 -17.10 -22.23
N LEU A 30 -38.41 -15.81 -21.92
CA LEU A 30 -39.45 -15.24 -21.07
C LEU A 30 -39.62 -13.80 -21.48
N GLY A 31 -40.86 -13.39 -21.67
CA GLY A 31 -41.15 -12.02 -22.00
C GLY A 31 -40.89 -11.74 -23.46
N PRO A 32 -41.02 -10.47 -23.87
CA PRO A 32 -40.80 -10.13 -25.28
C PRO A 32 -39.42 -10.57 -25.76
N GLY A 33 -39.37 -11.13 -26.96
CA GLY A 33 -38.14 -11.63 -27.53
C GLY A 33 -37.32 -10.56 -28.23
N LEU A 34 -36.30 -11.01 -28.93
CA LEU A 34 -35.51 -10.16 -29.82
C LEU A 34 -35.60 -10.72 -31.24
N GLN A 35 -35.68 -9.80 -32.19
CA GLN A 35 -35.84 -10.14 -33.60
C GLN A 35 -34.65 -10.96 -34.10
N LEU A 36 -34.94 -12.06 -34.80
CA LEU A 36 -33.85 -12.84 -35.38
C LEU A 36 -33.13 -11.98 -36.42
N VAL A 37 -31.79 -12.05 -36.43
CA VAL A 37 -30.92 -11.28 -37.31
C VAL A 37 -29.79 -12.21 -37.73
N GLU A 38 -28.99 -11.76 -38.69
CA GLU A 38 -27.95 -12.61 -39.24
C GLU A 38 -26.74 -12.65 -38.32
N LYS A 39 -26.41 -11.51 -37.69
CA LYS A 39 -25.14 -11.38 -37.02
C LYS A 39 -25.26 -10.41 -35.84
N VAL A 40 -24.25 -10.47 -35.00
CA VAL A 40 -24.16 -9.51 -33.89
C VAL A 40 -22.83 -8.81 -34.02
N ASN A 41 -22.87 -7.49 -33.90
CA ASN A 41 -21.67 -6.65 -33.95
C ASN A 41 -21.44 -6.13 -32.53
N ILE A 42 -20.25 -6.39 -32.01
CA ILE A 42 -19.95 -5.98 -30.64
C ILE A 42 -18.91 -4.85 -30.69
N LEU A 43 -19.27 -3.71 -30.08
CA LEU A 43 -18.45 -2.49 -30.09
C LEU A 43 -18.20 -2.08 -28.64
N ASN A 44 -16.95 -1.76 -28.33
CA ASN A 44 -16.57 -1.33 -26.98
C ASN A 44 -16.72 0.19 -27.05
N GLY A 45 -17.75 0.71 -26.39
CA GLY A 45 -18.20 2.08 -26.57
C GLY A 45 -19.69 2.14 -26.85
N ALA A 46 -20.25 3.35 -26.71
CA ALA A 46 -21.67 3.61 -27.00
C ALA A 46 -21.90 3.93 -28.48
N SER A 54 -30.07 -2.71 -39.26
CA SER A 54 -29.97 -3.50 -38.03
C SER A 54 -31.32 -3.44 -37.32
N ALA A 55 -31.56 -4.40 -36.41
CA ALA A 55 -32.87 -4.57 -35.80
C ALA A 55 -32.93 -4.18 -34.34
N TRP A 56 -31.82 -4.25 -33.63
CA TRP A 56 -31.83 -3.91 -32.22
C TRP A 56 -30.43 -3.64 -31.72
N ARG A 57 -30.38 -2.88 -30.61
CA ARG A 57 -29.15 -2.55 -29.95
C ARG A 57 -29.35 -2.77 -28.46
N LEU A 58 -28.42 -3.50 -27.84
CA LEU A 58 -28.34 -3.63 -26.41
C LEU A 58 -27.03 -3.00 -25.96
N GLN A 59 -27.00 -2.42 -24.76
CA GLN A 59 -25.73 -1.94 -24.25
C GLN A 59 -25.66 -2.13 -22.74
N GLY A 60 -24.44 -2.17 -22.23
CA GLY A 60 -24.23 -2.27 -20.78
C GLY A 60 -22.80 -1.93 -20.47
N PHE A 61 -22.50 -1.87 -19.17
CA PHE A 61 -21.16 -1.53 -18.70
C PHE A 61 -20.63 -2.59 -17.75
N ALA A 62 -19.30 -2.76 -17.76
CA ALA A 62 -18.64 -3.60 -16.79
C ALA A 62 -18.49 -2.79 -15.50
N SER A 63 -18.67 -3.45 -14.38
CA SER A 63 -18.77 -2.74 -13.12
C SER A 63 -18.11 -3.51 -12.00
N ASN A 64 -18.10 -2.88 -10.80
CA ASN A 64 -17.59 -3.57 -9.64
C ASN A 64 -18.49 -4.71 -9.19
N ILE A 65 -17.86 -5.60 -8.39
CA ILE A 65 -18.53 -6.68 -7.71
C ILE A 65 -19.61 -6.17 -6.78
N ARG A 66 -20.75 -6.86 -6.80
CA ARG A 66 -21.95 -6.52 -6.04
C ARG A 66 -22.31 -7.54 -4.95
N TYR A 67 -21.89 -8.82 -5.06
CA TYR A 67 -22.26 -9.90 -4.15
C TYR A 67 -21.09 -10.80 -3.74
N ALA A 68 -20.18 -11.11 -4.65
CA ALA A 68 -19.18 -12.12 -4.32
C ALA A 68 -18.27 -11.63 -3.20
N ILE A 69 -17.97 -12.54 -2.29
CA ILE A 69 -17.03 -12.31 -1.20
C ILE A 69 -15.63 -12.72 -1.62
N ARG A 70 -14.65 -12.30 -0.82
CA ARG A 70 -13.25 -12.53 -1.18
C ARG A 70 -12.98 -14.00 -1.48
N THR A 71 -13.42 -14.90 -0.60
CA THR A 71 -13.11 -16.31 -0.81
C THR A 71 -13.75 -16.83 -2.10
N GLU A 72 -14.92 -16.30 -2.47
CA GLU A 72 -15.53 -16.65 -3.74
C GLU A 72 -14.74 -16.12 -4.92
N LEU A 73 -14.28 -14.88 -4.85
CA LEU A 73 -13.41 -14.36 -5.89
C LEU A 73 -12.13 -15.16 -6.02
N GLU A 74 -11.55 -15.59 -4.88
CA GLU A 74 -10.31 -16.37 -4.98
C GLU A 74 -10.57 -17.69 -5.69
N ALA A 75 -11.70 -18.33 -5.40
CA ALA A 75 -12.03 -19.60 -6.07
C ALA A 75 -12.25 -19.38 -7.57
N LEU A 76 -12.99 -18.35 -7.93
CA LEU A 76 -13.25 -18.02 -9.33
C LEU A 76 -11.96 -17.65 -10.05
N GLN A 77 -11.09 -16.87 -9.41
CA GLN A 77 -9.86 -16.50 -10.07
C GLN A 77 -8.94 -17.70 -10.25
N ALA A 78 -9.03 -18.69 -9.37
CA ALA A 78 -8.21 -19.89 -9.48
C ALA A 78 -8.52 -20.72 -10.71
N VAL A 79 -9.72 -20.62 -11.27
CA VAL A 79 -10.11 -21.54 -12.33
C VAL A 79 -10.74 -20.89 -13.54
N GLN A 80 -11.31 -19.70 -13.48
CA GLN A 80 -12.05 -19.15 -14.58
C GLN A 80 -11.14 -18.88 -15.78
N PRO A 81 -11.58 -19.16 -16.99
CA PRO A 81 -10.74 -18.87 -18.16
C PRO A 81 -10.93 -17.43 -18.61
N MET A 82 -10.01 -16.98 -19.45
CA MET A 82 -10.15 -15.75 -20.20
C MET A 82 -11.12 -15.87 -21.37
N LEU A 83 -11.66 -14.71 -21.74
CA LEU A 83 -12.31 -14.52 -23.01
C LEU A 83 -11.28 -14.67 -24.14
N ASN A 84 -11.80 -14.92 -25.34
CA ASN A 84 -11.00 -15.02 -26.57
C ASN A 84 -10.05 -16.20 -26.63
N ARG A 85 -10.33 -17.29 -25.91
CA ARG A 85 -9.62 -18.54 -26.18
C ARG A 85 -9.84 -18.94 -27.64
N ALA A 86 -8.78 -19.45 -28.29
CA ALA A 86 -8.92 -19.88 -29.67
C ALA A 86 -10.02 -20.92 -29.81
N GLU A 87 -10.22 -21.77 -28.78
CA GLU A 87 -11.19 -22.88 -28.87
C GLU A 87 -12.63 -22.40 -28.68
N ALA A 88 -12.81 -21.21 -28.10
CA ALA A 88 -14.11 -20.76 -27.65
C ALA A 88 -14.88 -20.12 -28.82
N ILE A 89 -15.30 -20.98 -29.75
CA ILE A 89 -15.92 -20.44 -30.96
C ILE A 89 -17.43 -20.33 -30.85
N LEU A 90 -18.01 -20.84 -29.78
CA LEU A 90 -19.43 -20.66 -29.52
C LEU A 90 -19.65 -19.67 -28.38
N ALA A 91 -20.73 -18.91 -28.47
CA ALA A 91 -21.06 -18.01 -27.37
C ALA A 91 -22.56 -17.88 -27.26
N VAL A 92 -22.99 -17.33 -26.10
CA VAL A 92 -24.40 -17.12 -25.80
C VAL A 92 -24.47 -15.78 -25.06
N LEU A 93 -25.22 -14.85 -25.66
CA LEU A 93 -25.58 -13.58 -25.07
C LEU A 93 -26.98 -13.71 -24.49
N ILE A 94 -27.10 -13.44 -23.20
CA ILE A 94 -28.34 -13.68 -22.44
C ILE A 94 -28.68 -12.38 -21.71
N PRO A 95 -29.49 -11.53 -22.36
CA PRO A 95 -30.03 -10.37 -21.61
C PRO A 95 -31.11 -10.81 -20.63
N ILE A 96 -31.05 -10.22 -19.44
CA ILE A 96 -31.89 -10.61 -18.32
C ILE A 96 -32.48 -9.37 -17.67
N LYS A 97 -33.74 -9.42 -17.31
CA LYS A 97 -34.34 -8.36 -16.48
C LYS A 97 -34.93 -8.98 -15.23
N LYS A 98 -34.71 -8.33 -14.08
CA LYS A 98 -35.28 -8.78 -12.82
C LYS A 98 -36.43 -7.85 -12.41
N SER A 99 -37.29 -8.34 -11.49
CA SER A 99 -38.52 -7.64 -11.12
C SER A 99 -38.28 -6.48 -10.18
N ALA A 100 -39.28 -5.62 -10.10
CA ALA A 100 -39.20 -4.49 -9.17
C ALA A 100 -39.06 -4.96 -7.73
N GLN A 101 -39.69 -6.08 -7.41
CA GLN A 101 -39.61 -6.64 -6.08
C GLN A 101 -38.19 -7.03 -5.74
N TRP A 102 -37.43 -7.54 -6.72
CA TRP A 102 -36.03 -7.83 -6.49
C TRP A 102 -35.27 -6.56 -6.12
N TRP A 103 -35.41 -5.52 -6.94
CA TRP A 103 -34.62 -4.30 -6.78
C TRP A 103 -34.95 -3.53 -5.52
N GLU A 104 -36.15 -3.71 -4.98
CA GLU A 104 -36.53 -3.05 -3.73
C GLU A 104 -35.90 -3.68 -2.50
N MET A 105 -35.47 -4.93 -2.58
CA MET A 105 -34.90 -5.63 -1.45
C MET A 105 -33.59 -4.99 -1.05
N ALA A 106 -33.29 -5.11 0.24
CA ALA A 106 -32.02 -4.65 0.78
C ALA A 106 -30.87 -5.54 0.33
N GLN A 107 -29.65 -5.12 0.66
CA GLN A 107 -28.47 -5.82 0.14
C GLN A 107 -28.31 -7.22 0.72
N ASP A 108 -28.56 -7.37 2.02
CA ASP A 108 -28.48 -8.68 2.64
C ASP A 108 -29.55 -9.61 2.09
N GLU A 109 -30.74 -9.09 1.81
CA GLU A 109 -31.79 -9.94 1.27
C GLU A 109 -31.41 -10.47 -0.08
N ARG A 110 -30.85 -9.61 -0.94
CA ARG A 110 -30.48 -10.07 -2.28
C ARG A 110 -29.29 -11.02 -2.23
N ARG A 111 -28.28 -10.73 -1.42
CA ARG A 111 -27.15 -11.64 -1.25
C ARG A 111 -27.61 -13.01 -0.78
N ASP A 112 -28.54 -13.04 0.17
N ASP A 112 -28.51 -13.05 0.20
CA ASP A 112 -29.02 -14.31 0.72
CA ASP A 112 -28.99 -14.33 0.71
C ASP A 112 -29.72 -15.14 -0.35
C ASP A 112 -29.67 -15.14 -0.40
N ILE A 113 -30.51 -14.50 -1.20
CA ILE A 113 -31.15 -15.21 -2.31
C ILE A 113 -30.10 -15.65 -3.33
N PHE A 114 -29.19 -14.75 -3.67
CA PHE A 114 -28.26 -14.98 -4.76
C PHE A 114 -27.35 -16.15 -4.45
N GLU A 115 -26.79 -16.23 -3.25
CA GLU A 115 -25.85 -17.28 -2.91
C GLU A 115 -26.37 -18.27 -1.87
N ARG A 116 -26.74 -17.82 -0.65
CA ARG A 116 -27.11 -18.81 0.36
C ARG A 116 -28.24 -19.70 -0.13
N GLU A 117 -29.20 -19.13 -0.86
CA GLU A 117 -30.32 -19.93 -1.33
C GLU A 117 -30.12 -20.51 -2.72
N SER A 118 -29.62 -19.73 -3.67
CA SER A 118 -29.52 -20.20 -5.06
C SER A 118 -28.13 -20.69 -5.42
N HIS A 119 -27.10 -20.42 -4.64
CA HIS A 119 -25.76 -20.96 -4.87
C HIS A 119 -25.25 -20.61 -6.27
N HIS A 120 -25.50 -19.37 -6.69
CA HIS A 120 -25.17 -18.94 -8.03
C HIS A 120 -23.71 -19.16 -8.34
N THR A 121 -22.79 -18.69 -7.48
CA THR A 121 -21.36 -18.88 -7.72
C THR A 121 -20.94 -20.34 -7.58
N ALA A 122 -21.39 -21.03 -6.53
CA ALA A 122 -20.97 -22.41 -6.33
C ALA A 122 -21.43 -23.30 -7.49
N VAL A 123 -22.66 -23.08 -7.96
CA VAL A 123 -23.11 -23.87 -9.11
C VAL A 123 -22.30 -23.51 -10.37
N GLY A 124 -22.18 -22.21 -10.64
CA GLY A 124 -21.43 -21.75 -11.80
C GLY A 124 -20.02 -22.27 -11.83
N LEU A 125 -19.37 -22.35 -10.68
CA LEU A 125 -18.00 -22.87 -10.63
C LEU A 125 -17.88 -24.30 -11.12
N GLU A 126 -18.97 -25.09 -11.06
CA GLU A 126 -18.91 -26.46 -11.56
C GLU A 126 -18.69 -26.53 -13.07
N TYR A 127 -18.89 -25.40 -13.77
CA TYR A 127 -18.80 -25.30 -15.22
C TYR A 127 -17.53 -24.59 -15.69
N LEU A 128 -16.62 -24.23 -14.74
CA LEU A 128 -15.32 -23.72 -15.09
C LEU A 128 -14.30 -24.85 -14.99
N PRO A 129 -13.24 -24.86 -15.80
CA PRO A 129 -12.86 -23.78 -16.71
C PRO A 129 -13.51 -23.85 -18.11
N GLY A 130 -14.46 -24.74 -18.38
CA GLY A 130 -14.99 -24.82 -19.73
C GLY A 130 -15.61 -23.51 -20.22
N VAL A 131 -16.41 -22.89 -19.37
CA VAL A 131 -17.18 -21.70 -19.73
C VAL A 131 -16.48 -20.42 -19.24
N ALA A 132 -16.23 -19.48 -20.17
CA ALA A 132 -15.77 -18.14 -19.83
C ALA A 132 -16.97 -17.19 -19.87
N ARG A 133 -16.91 -16.10 -19.11
CA ARG A 133 -18.10 -15.26 -19.02
C ARG A 133 -17.72 -13.79 -18.89
N ARG A 134 -18.70 -12.93 -19.19
CA ARG A 134 -18.56 -11.51 -18.87
C ARG A 134 -19.91 -10.94 -18.46
N LEU A 135 -19.95 -10.17 -17.35
CA LEU A 135 -21.16 -9.61 -16.81
C LEU A 135 -21.19 -8.12 -17.11
N LEU A 136 -22.24 -7.67 -17.75
CA LEU A 136 -22.50 -6.27 -17.97
C LEU A 136 -23.81 -5.87 -17.32
N HIS A 137 -23.83 -4.62 -16.83
CA HIS A 137 -24.98 -4.06 -16.15
C HIS A 137 -25.64 -3.02 -17.03
N CYS A 138 -26.96 -2.92 -16.97
CA CYS A 138 -27.61 -1.89 -17.79
C CYS A 138 -28.91 -1.29 -17.26
N ARG A 139 -29.43 -1.82 -16.16
CA ARG A 139 -30.59 -1.21 -15.54
C ARG A 139 -30.35 0.29 -15.33
N ASP A 140 -29.15 0.65 -14.85
CA ASP A 140 -28.86 2.05 -14.53
C ASP A 140 -28.76 2.95 -15.76
N LEU A 141 -28.62 2.37 -16.94
CA LEU A 141 -28.68 3.08 -18.20
C LEU A 141 -30.08 3.29 -18.73
N GLY A 142 -31.11 2.76 -18.06
CA GLY A 142 -32.46 2.90 -18.53
C GLY A 142 -32.79 1.96 -19.65
N GLU A 143 -31.99 0.90 -19.80
CA GLU A 143 -32.22 -0.11 -20.82
C GLU A 143 -33.42 -0.96 -20.43
N GLU A 144 -33.93 -1.71 -21.44
CA GLU A 144 -35.08 -2.56 -21.24
C GLU A 144 -34.72 -3.86 -20.51
N PHE A 145 -33.45 -4.22 -20.47
CA PHE A 145 -32.99 -5.34 -19.67
C PHE A 145 -32.17 -4.76 -18.52
N ASP A 146 -31.86 -5.56 -17.49
CA ASP A 146 -31.01 -5.12 -16.37
C ASP A 146 -29.57 -5.57 -16.56
N PHE A 147 -29.31 -6.70 -17.28
CA PHE A 147 -27.99 -7.24 -17.37
C PHE A 147 -27.81 -7.80 -18.76
N LEU A 148 -26.60 -7.70 -19.27
CA LEU A 148 -26.22 -8.49 -20.44
C LEU A 148 -25.20 -9.48 -19.94
N THR A 149 -25.53 -10.77 -20.04
CA THR A 149 -24.60 -11.81 -19.67
C THR A 149 -24.06 -12.44 -20.96
N TRP A 150 -22.82 -12.86 -20.91
CA TRP A 150 -22.04 -13.37 -22.03
C TRP A 150 -21.27 -14.58 -21.55
N PHE A 151 -21.43 -15.69 -22.33
CA PHE A 151 -20.72 -16.91 -22.06
C PHE A 151 -20.06 -17.38 -23.36
N GLU A 152 -18.89 -17.96 -23.24
CA GLU A 152 -18.32 -18.54 -24.46
C GLU A 152 -17.52 -19.78 -24.12
N PHE A 153 -17.47 -20.71 -25.09
CA PHE A 153 -16.91 -22.03 -24.82
C PHE A 153 -16.71 -22.81 -26.11
N ALA A 154 -15.88 -23.85 -26.03
CA ALA A 154 -15.69 -24.81 -27.11
C ALA A 154 -16.95 -25.66 -27.23
N PRO A 155 -17.21 -26.23 -28.43
CA PRO A 155 -18.44 -27.02 -28.61
C PRO A 155 -18.59 -28.18 -27.66
N GLU A 156 -17.51 -28.76 -27.17
CA GLU A 156 -17.65 -29.87 -26.23
C GLU A 156 -18.32 -29.50 -24.92
N HIS A 157 -18.53 -28.22 -24.63
CA HIS A 157 -19.21 -27.82 -23.41
C HIS A 157 -20.66 -27.39 -23.62
N SER A 158 -21.16 -27.46 -24.87
CA SER A 158 -22.52 -27.05 -25.17
C SER A 158 -23.53 -27.77 -24.28
N SER A 159 -23.43 -29.10 -24.18
CA SER A 159 -24.35 -29.86 -23.34
C SER A 159 -24.29 -29.41 -21.88
N ALA A 160 -23.07 -29.25 -21.35
CA ALA A 160 -22.94 -28.82 -19.95
C ALA A 160 -23.55 -27.45 -19.77
N PHE A 161 -23.34 -26.57 -20.75
CA PHE A 161 -23.89 -25.22 -20.60
C PHE A 161 -25.42 -25.25 -20.62
N ASN A 162 -26.03 -26.05 -21.47
CA ASN A 162 -27.49 -26.16 -21.46
C ASN A 162 -28.01 -26.72 -20.14
N GLU A 163 -27.26 -27.60 -19.50
CA GLU A 163 -27.61 -28.10 -18.18
C GLU A 163 -27.51 -26.99 -17.13
N LEU A 164 -26.43 -26.22 -17.16
CA LEU A 164 -26.29 -25.08 -16.25
C LEU A 164 -27.49 -24.15 -16.37
N LEU A 165 -27.90 -23.84 -17.59
CA LEU A 165 -29.05 -22.94 -17.76
C LEU A 165 -30.27 -23.48 -17.03
N LEU A 166 -30.55 -24.78 -17.21
CA LEU A 166 -31.73 -25.32 -16.56
C LEU A 166 -31.59 -25.36 -15.05
N ARG A 167 -30.38 -25.57 -14.53
CA ARG A 167 -30.18 -25.48 -13.07
C ARG A 167 -30.46 -24.08 -12.55
N MET A 168 -29.96 -23.06 -13.25
N MET A 168 -29.94 -23.05 -13.23
CA MET A 168 -30.16 -21.68 -12.80
CA MET A 168 -30.16 -21.67 -12.77
C MET A 168 -31.61 -21.28 -12.84
C MET A 168 -31.64 -21.32 -12.79
N ARG A 169 -32.36 -21.74 -13.84
CA ARG A 169 -33.76 -21.36 -13.95
C ARG A 169 -34.65 -22.04 -12.92
N ALA A 170 -34.16 -23.09 -12.26
CA ALA A 170 -34.87 -23.72 -11.16
C ALA A 170 -34.61 -23.03 -9.81
N SER A 171 -33.76 -22.01 -9.77
CA SER A 171 -33.32 -21.47 -8.49
C SER A 171 -34.27 -20.40 -7.97
N LYS A 172 -34.16 -20.12 -6.67
CA LYS A 172 -34.95 -19.04 -6.09
C LYS A 172 -34.64 -17.72 -6.78
N GLU A 173 -33.37 -17.47 -7.08
CA GLU A 173 -33.03 -16.23 -7.76
C GLU A 173 -33.84 -16.05 -9.03
N TRP A 174 -34.06 -17.15 -9.78
CA TRP A 174 -34.78 -17.01 -11.05
C TRP A 174 -36.27 -16.74 -10.89
N GLU A 175 -36.84 -16.92 -9.69
CA GLU A 175 -38.22 -16.52 -9.50
C GLU A 175 -38.42 -15.02 -9.63
N TYR A 176 -37.34 -14.24 -9.62
CA TYR A 176 -37.42 -12.80 -9.84
C TYR A 176 -37.06 -12.38 -11.26
N VAL A 177 -36.67 -13.33 -12.12
CA VAL A 177 -36.40 -12.98 -13.50
C VAL A 177 -37.72 -12.76 -14.24
N GLU A 178 -37.82 -11.65 -14.95
CA GLU A 178 -39.03 -11.25 -15.67
C GLU A 178 -38.89 -11.26 -17.18
N ARG A 179 -37.69 -11.16 -17.70
CA ARG A 179 -37.48 -11.18 -19.14
C ARG A 179 -36.13 -11.81 -19.37
N GLU A 180 -36.06 -12.70 -20.37
CA GLU A 180 -34.82 -13.41 -20.63
C GLU A 180 -34.84 -13.88 -22.08
N VAL A 181 -33.74 -13.67 -22.80
CA VAL A 181 -33.55 -14.13 -24.18
C VAL A 181 -32.17 -14.77 -24.28
N GLU A 182 -32.08 -15.79 -25.14
CA GLU A 182 -30.79 -16.40 -25.44
C GLU A 182 -30.49 -16.11 -26.91
N VAL A 183 -29.35 -15.48 -27.16
CA VAL A 183 -28.82 -15.29 -28.50
C VAL A 183 -27.59 -16.16 -28.61
N TRP A 184 -27.74 -17.25 -29.33
CA TRP A 184 -26.66 -18.19 -29.59
C TRP A 184 -25.83 -17.77 -30.83
N LEU A 185 -24.51 -17.82 -30.69
CA LEU A 185 -23.60 -17.21 -31.65
C LEU A 185 -22.44 -18.14 -31.98
N LYS A 186 -21.85 -17.96 -33.15
CA LYS A 186 -20.66 -18.66 -33.58
C LYS A 186 -19.65 -17.65 -34.11
N ARG A 187 -18.40 -17.77 -33.69
CA ARG A 187 -17.39 -16.79 -34.05
C ARG A 187 -17.05 -16.91 -35.54
N LEU A 188 -17.01 -15.76 -36.21
CA LEU A 188 -16.69 -15.72 -37.63
C LEU A 188 -15.19 -15.56 -37.85
N ASN B 8 -37.06 9.12 -14.90
CA ASN B 8 -35.66 9.13 -15.32
C ASN B 8 -34.69 9.26 -14.13
N ASN B 9 -33.70 8.38 -14.12
CA ASN B 9 -32.83 8.24 -12.97
C ASN B 9 -31.57 9.07 -13.09
N ARG B 10 -31.42 9.86 -14.15
CA ARG B 10 -30.20 10.64 -14.40
C ARG B 10 -30.37 12.10 -13.99
N TYR B 11 -29.38 12.64 -13.31
CA TYR B 11 -29.40 14.02 -12.86
C TYR B 11 -28.10 14.66 -13.29
N SER B 12 -28.17 15.92 -13.73
CA SER B 12 -27.01 16.70 -14.10
C SER B 12 -26.96 17.95 -13.24
N PHE B 13 -25.75 18.40 -12.96
CA PHE B 13 -25.48 19.56 -12.10
C PHE B 13 -24.53 20.40 -12.93
N ILE B 14 -24.99 21.56 -13.38
CA ILE B 14 -24.21 22.42 -14.28
C ILE B 14 -23.74 23.63 -13.47
N GLY B 15 -22.42 23.77 -13.33
CA GLY B 15 -21.85 24.93 -12.63
C GLY B 15 -21.67 26.05 -13.63
N GLY B 16 -22.30 27.20 -13.34
CA GLY B 16 -22.34 28.24 -14.32
C GLY B 16 -23.05 29.47 -13.81
N ARG B 17 -23.71 30.18 -14.71
CA ARG B 17 -24.32 31.46 -14.37
C ARG B 17 -25.84 31.37 -14.19
N THR B 18 -26.45 30.21 -14.41
CA THR B 18 -27.88 30.06 -14.24
C THR B 18 -28.15 28.90 -13.29
N GLY B 19 -29.37 28.85 -12.78
CA GLY B 19 -29.76 27.71 -11.97
C GLY B 19 -30.61 28.06 -10.76
N GLN B 20 -31.08 26.99 -10.10
CA GLN B 20 -31.97 27.12 -8.95
C GLN B 20 -31.20 27.42 -7.68
N TRP B 21 -29.87 27.33 -7.69
CA TRP B 21 -29.04 27.38 -6.50
C TRP B 21 -27.87 28.36 -6.68
N GLN B 22 -27.66 29.20 -5.67
CA GLN B 22 -26.51 30.10 -5.60
C GLN B 22 -25.33 29.38 -4.93
N VAL B 23 -24.14 29.54 -5.51
CA VAL B 23 -22.96 28.92 -4.90
C VAL B 23 -22.47 29.88 -3.81
N VAL B 24 -22.46 29.38 -2.57
CA VAL B 24 -21.92 30.07 -1.41
C VAL B 24 -20.41 29.97 -1.38
N LYS B 25 -19.87 28.77 -1.62
CA LYS B 25 -18.43 28.55 -1.61
C LYS B 25 -18.18 27.20 -2.24
N ILE B 26 -16.94 27.02 -2.69
CA ILE B 26 -16.46 25.70 -3.10
C ILE B 26 -15.20 25.40 -2.33
N ARG B 27 -15.18 24.26 -1.65
CA ARG B 27 -14.01 23.77 -0.95
C ARG B 27 -13.43 22.62 -1.75
N ASN B 28 -12.19 22.77 -2.17
CA ASN B 28 -11.52 21.72 -2.95
C ASN B 28 -10.77 20.85 -1.96
N VAL B 29 -11.50 19.88 -1.40
CA VAL B 29 -11.03 19.07 -0.27
C VAL B 29 -9.78 18.28 -0.63
N LEU B 30 -9.84 17.51 -1.73
CA LEU B 30 -8.74 16.60 -2.04
C LEU B 30 -8.69 16.41 -3.54
N GLY B 31 -7.52 16.55 -4.12
CA GLY B 31 -7.36 16.38 -5.54
C GLY B 31 -7.81 17.62 -6.29
N PRO B 32 -7.87 17.49 -7.63
CA PRO B 32 -8.24 18.65 -8.45
C PRO B 32 -9.63 19.16 -8.08
N GLY B 33 -9.80 20.47 -8.09
CA GLY B 33 -11.02 21.06 -7.63
C GLY B 33 -12.04 21.24 -8.74
N LEU B 34 -13.07 22.03 -8.41
CA LEU B 34 -14.05 22.46 -9.40
C LEU B 34 -14.02 23.97 -9.45
N GLN B 35 -14.07 24.51 -10.67
CA GLN B 35 -13.99 25.94 -10.85
C GLN B 35 -15.12 26.63 -10.12
N LEU B 36 -14.80 27.73 -9.42
CA LEU B 36 -15.84 28.53 -8.79
C LEU B 36 -16.75 29.17 -9.82
N VAL B 37 -18.05 29.14 -9.56
CA VAL B 37 -19.09 29.63 -10.45
C VAL B 37 -20.11 30.35 -9.59
N GLU B 38 -21.04 31.04 -10.25
CA GLU B 38 -22.07 31.77 -9.52
C GLU B 38 -23.22 30.88 -9.06
N LYS B 39 -23.60 29.89 -9.87
CA LYS B 39 -24.80 29.13 -9.59
C LYS B 39 -24.64 27.69 -10.06
N VAL B 40 -25.56 26.86 -9.58
CA VAL B 40 -25.70 25.48 -10.08
C VAL B 40 -27.12 25.28 -10.63
N ASN B 41 -27.20 24.71 -11.84
CA ASN B 41 -28.47 24.33 -12.43
C ASN B 41 -28.60 22.82 -12.44
N ILE B 42 -29.69 22.33 -11.89
CA ILE B 42 -29.91 20.90 -11.69
C ILE B 42 -31.03 20.45 -12.61
N LEU B 43 -30.71 19.49 -13.47
CA LEU B 43 -31.66 18.97 -14.44
C LEU B 43 -31.82 17.48 -14.17
N ASN B 44 -33.06 17.00 -14.16
CA ASN B 44 -33.34 15.58 -14.15
C ASN B 44 -33.32 15.14 -15.60
N GLY B 45 -32.28 14.41 -15.98
CA GLY B 45 -31.96 14.12 -17.36
C GLY B 45 -30.50 14.42 -17.67
N ALA B 46 -30.09 13.93 -18.84
CA ALA B 46 -28.71 14.08 -19.33
C ALA B 46 -28.52 15.42 -20.06
N ASP B 53 -20.77 29.67 -21.22
CA ASP B 53 -20.98 30.36 -19.95
C ASP B 53 -20.93 29.43 -18.73
N SER B 54 -21.22 28.17 -18.96
CA SER B 54 -21.04 27.17 -17.91
C SER B 54 -19.58 26.77 -17.85
N ALA B 55 -19.18 26.23 -16.70
CA ALA B 55 -17.81 25.83 -16.46
C ALA B 55 -17.61 24.35 -16.27
N TRP B 56 -18.61 23.63 -15.76
CA TRP B 56 -18.48 22.19 -15.60
C TRP B 56 -19.87 21.56 -15.55
N ARG B 57 -19.90 20.26 -15.83
CA ARG B 57 -21.10 19.46 -15.69
C ARG B 57 -20.71 18.18 -14.96
N LEU B 58 -21.53 17.81 -14.00
CA LEU B 58 -21.43 16.54 -13.30
C LEU B 58 -22.74 15.81 -13.55
N GLN B 59 -22.69 14.49 -13.70
CA GLN B 59 -23.93 13.76 -13.85
C GLN B 59 -23.83 12.44 -13.09
N GLY B 60 -24.99 11.93 -12.71
CA GLY B 60 -25.04 10.62 -12.06
C GLY B 60 -26.44 10.09 -12.07
N PHE B 61 -26.56 8.83 -11.65
CA PHE B 61 -27.82 8.15 -11.66
C PHE B 61 -28.19 7.64 -10.28
N ALA B 62 -29.50 7.66 -10.01
CA ALA B 62 -30.04 7.00 -8.84
C ALA B 62 -30.07 5.49 -9.10
N SER B 63 -29.66 4.72 -8.11
CA SER B 63 -29.47 3.27 -8.26
C SER B 63 -30.04 2.51 -7.07
N ASN B 64 -29.95 1.20 -7.15
CA ASN B 64 -30.31 0.32 -6.04
C ASN B 64 -29.28 0.34 -4.91
N ILE B 65 -29.74 -0.13 -3.74
CA ILE B 65 -28.92 -0.25 -2.55
C ILE B 65 -27.78 -1.25 -2.78
N ARG B 66 -26.59 -0.86 -2.36
CA ARG B 66 -25.35 -1.62 -2.48
C ARG B 66 -24.83 -2.21 -1.18
N TYR B 67 -25.15 -1.60 0.03
CA TYR B 67 -24.60 -2.03 1.30
C TYR B 67 -25.63 -2.11 2.40
N ALA B 68 -26.64 -1.27 2.40
CA ALA B 68 -27.51 -1.21 3.56
C ALA B 68 -28.29 -2.50 3.70
N ILE B 69 -28.40 -2.97 4.93
CA ILE B 69 -29.16 -4.20 5.18
C ILE B 69 -30.59 -3.85 5.57
N ARG B 70 -31.48 -4.83 5.62
CA ARG B 70 -32.89 -4.52 5.81
C ARG B 70 -33.14 -3.68 7.07
N THR B 71 -32.54 -4.07 8.19
CA THR B 71 -32.80 -3.31 9.44
C THR B 71 -32.27 -1.88 9.34
N GLU B 72 -31.18 -1.67 8.62
CA GLU B 72 -30.69 -0.32 8.37
C GLU B 72 -31.65 0.46 7.50
N LEU B 73 -32.19 -0.14 6.42
CA LEU B 73 -33.20 0.55 5.64
C LEU B 73 -34.41 0.90 6.48
N GLU B 74 -34.84 0.00 7.37
CA GLU B 74 -36.00 0.30 8.18
C GLU B 74 -35.71 1.50 9.09
N ALA B 75 -34.50 1.59 9.60
CA ALA B 75 -34.17 2.71 10.49
C ALA B 75 -34.13 4.02 9.72
N LEU B 76 -33.50 4.02 8.56
CA LEU B 76 -33.46 5.16 7.66
C LEU B 76 -34.87 5.57 7.25
N GLN B 77 -35.70 4.60 6.87
CA GLN B 77 -37.05 4.93 6.42
C GLN B 77 -37.87 5.54 7.55
N ALA B 78 -37.61 5.16 8.78
CA ALA B 78 -38.38 5.68 9.89
C ALA B 78 -38.16 7.18 10.10
N VAL B 79 -37.02 7.73 9.68
CA VAL B 79 -36.63 9.07 10.11
C VAL B 79 -36.18 9.98 8.97
N GLN B 80 -35.75 9.48 7.81
CA GLN B 80 -35.16 10.34 6.80
C GLN B 80 -36.21 11.31 6.24
N PRO B 81 -35.89 12.57 6.10
CA PRO B 81 -36.86 13.53 5.60
C PRO B 81 -36.91 13.52 4.08
N MET B 82 -38.00 14.06 3.57
CA MET B 82 -38.14 14.25 2.14
C MET B 82 -37.24 15.38 1.63
N LEU B 83 -36.90 15.29 0.35
CA LEU B 83 -36.27 16.40 -0.34
C LEU B 83 -37.27 17.52 -0.54
N ASN B 84 -36.75 18.75 -0.62
CA ASN B 84 -37.52 19.94 -0.97
C ASN B 84 -38.44 20.41 0.16
N ARG B 85 -38.10 20.11 1.40
CA ARG B 85 -38.78 20.79 2.51
C ARG B 85 -38.67 22.31 2.39
N ALA B 86 -39.71 23.01 2.84
CA ALA B 86 -39.71 24.47 2.80
C ALA B 86 -38.51 25.07 3.50
N GLU B 87 -38.09 24.48 4.61
CA GLU B 87 -37.02 25.11 5.39
C GLU B 87 -35.62 24.74 4.92
N ALA B 88 -35.48 23.77 4.02
CA ALA B 88 -34.18 23.26 3.58
C ALA B 88 -33.62 24.17 2.47
N ILE B 89 -33.21 25.36 2.87
CA ILE B 89 -32.74 26.40 1.96
C ILE B 89 -31.24 26.32 1.75
N LEU B 90 -30.54 25.47 2.50
CA LEU B 90 -29.11 25.28 2.33
C LEU B 90 -28.87 23.86 1.79
N ALA B 91 -27.82 23.71 0.99
CA ALA B 91 -27.50 22.41 0.39
C ALA B 91 -26.01 22.31 0.16
N VAL B 92 -25.53 21.09 -0.01
CA VAL B 92 -24.12 20.87 -0.31
C VAL B 92 -24.04 19.69 -1.29
N LEU B 93 -23.36 19.88 -2.42
CA LEU B 93 -23.11 18.83 -3.43
C LEU B 93 -21.67 18.42 -3.24
N ILE B 94 -21.45 17.12 -2.98
CA ILE B 94 -20.12 16.63 -2.62
C ILE B 94 -19.78 15.51 -3.58
N PRO B 95 -19.10 15.82 -4.67
CA PRO B 95 -18.62 14.74 -5.54
C PRO B 95 -17.40 14.07 -4.94
N ILE B 96 -17.37 12.73 -5.03
CA ILE B 96 -16.39 11.89 -4.35
C ILE B 96 -15.88 10.84 -5.32
N LYS B 97 -14.58 10.59 -5.29
CA LYS B 97 -13.94 9.50 -6.02
C LYS B 97 -13.16 8.63 -5.05
N LYS B 98 -13.39 7.33 -5.08
CA LYS B 98 -12.64 6.36 -4.28
C LYS B 98 -11.57 5.69 -5.15
N SER B 99 -10.58 5.12 -4.49
CA SER B 99 -9.37 4.62 -5.14
C SER B 99 -9.60 3.27 -5.84
N ALA B 100 -8.68 2.96 -6.74
CA ALA B 100 -8.67 1.66 -7.40
C ALA B 100 -8.63 0.53 -6.38
N GLN B 101 -7.85 0.70 -5.31
CA GLN B 101 -7.77 -0.31 -4.25
C GLN B 101 -9.14 -0.56 -3.62
N TRP B 102 -9.95 0.48 -3.46
CA TRP B 102 -11.31 0.27 -2.99
C TRP B 102 -12.09 -0.61 -3.96
N TRP B 103 -12.09 -0.21 -5.21
CA TRP B 103 -12.97 -0.88 -6.19
C TRP B 103 -12.57 -2.31 -6.45
N GLU B 104 -11.32 -2.68 -6.21
CA GLU B 104 -10.89 -4.06 -6.43
C GLU B 104 -11.30 -4.98 -5.28
N MET B 105 -11.70 -4.42 -4.16
CA MET B 105 -12.07 -5.23 -3.01
C MET B 105 -13.38 -5.95 -3.30
N ALA B 106 -13.55 -7.07 -2.63
CA ALA B 106 -14.76 -7.88 -2.75
C ALA B 106 -15.89 -7.22 -1.98
N GLN B 107 -17.09 -7.77 -2.12
CA GLN B 107 -18.25 -7.11 -1.53
C GLN B 107 -18.20 -7.15 0.00
N ASP B 108 -17.81 -8.28 0.59
CA ASP B 108 -17.73 -8.34 2.05
C ASP B 108 -16.66 -7.39 2.57
N GLU B 109 -15.54 -7.27 1.83
CA GLU B 109 -14.46 -6.39 2.31
C GLU B 109 -14.92 -4.96 2.33
N ARG B 110 -15.66 -4.53 1.30
CA ARG B 110 -16.14 -3.16 1.26
C ARG B 110 -17.22 -2.90 2.29
N ARG B 111 -18.23 -3.78 2.39
CA ARG B 111 -19.23 -3.65 3.45
C ARG B 111 -18.58 -3.52 4.84
N ASP B 112 -17.55 -4.34 5.12
CA ASP B 112 -16.88 -4.31 6.42
C ASP B 112 -16.26 -2.95 6.71
N ILE B 113 -15.66 -2.32 5.69
CA ILE B 113 -15.09 -1.00 5.86
C ILE B 113 -16.20 0.04 6.01
N PHE B 114 -17.21 -0.03 5.13
CA PHE B 114 -18.25 1.00 5.09
C PHE B 114 -19.01 1.07 6.39
N GLU B 115 -19.43 -0.07 6.93
CA GLU B 115 -20.27 -0.08 8.13
C GLU B 115 -19.58 -0.62 9.37
N ARG B 116 -19.02 -1.84 9.32
CA ARG B 116 -18.45 -2.44 10.52
C ARG B 116 -17.34 -1.57 11.12
N GLU B 117 -16.48 -1.00 10.28
CA GLU B 117 -15.36 -0.20 10.75
C GLU B 117 -15.72 1.27 10.83
N SER B 118 -16.36 1.81 9.80
CA SER B 118 -16.62 3.24 9.67
C SER B 118 -18.00 3.67 10.18
N HIS B 119 -18.92 2.74 10.36
CA HIS B 119 -20.27 3.01 10.84
C HIS B 119 -20.96 4.12 10.03
N HIS B 120 -20.86 4.05 8.69
CA HIS B 120 -21.38 5.14 7.87
C HIS B 120 -22.86 5.39 8.13
N THR B 121 -23.66 4.33 8.16
CA THR B 121 -25.11 4.49 8.34
C THR B 121 -25.45 4.91 9.78
N ALA B 122 -24.84 4.27 10.78
CA ALA B 122 -25.15 4.54 12.17
C ALA B 122 -24.81 5.97 12.51
N VAL B 123 -23.70 6.44 11.96
CA VAL B 123 -23.27 7.81 12.24
C VAL B 123 -24.18 8.79 11.51
N GLY B 124 -24.47 8.53 10.21
CA GLY B 124 -25.34 9.44 9.49
C GLY B 124 -26.73 9.56 10.09
N LEU B 125 -27.24 8.45 10.64
CA LEU B 125 -28.56 8.44 11.26
C LEU B 125 -28.69 9.47 12.36
N GLU B 126 -27.58 9.77 13.07
CA GLU B 126 -27.62 10.73 14.17
C GLU B 126 -27.92 12.14 13.70
N TYR B 127 -27.82 12.40 12.39
CA TYR B 127 -28.04 13.72 11.78
C TYR B 127 -29.35 13.80 11.03
N LEU B 128 -30.16 12.77 11.11
CA LEU B 128 -31.55 12.85 10.69
C LEU B 128 -32.45 13.04 11.88
N PRO B 129 -33.59 13.74 11.69
CA PRO B 129 -34.12 14.20 10.39
C PRO B 129 -33.63 15.56 9.86
N GLY B 130 -32.66 16.21 10.50
CA GLY B 130 -32.27 17.53 10.05
C GLY B 130 -31.80 17.54 8.61
N VAL B 131 -30.97 16.55 8.26
CA VAL B 131 -30.32 16.46 6.96
C VAL B 131 -31.05 15.48 6.03
N ALA B 132 -31.48 15.97 4.86
CA ALA B 132 -32.02 15.17 3.76
C ALA B 132 -30.89 14.91 2.78
N ARG B 133 -30.97 13.81 2.03
CA ARG B 133 -29.84 13.47 1.21
C ARG B 133 -30.36 12.79 -0.06
N ARG B 134 -29.49 12.81 -1.09
CA ARG B 134 -29.69 11.96 -2.26
C ARG B 134 -28.34 11.45 -2.75
N LEU B 135 -28.26 10.14 -3.04
CA LEU B 135 -27.02 9.51 -3.50
C LEU B 135 -27.15 9.20 -4.97
N LEU B 136 -26.19 9.67 -5.78
CA LEU B 136 -26.06 9.31 -7.20
C LEU B 136 -24.70 8.67 -7.43
N HIS B 137 -24.70 7.76 -8.41
CA HIS B 137 -23.50 7.02 -8.79
C HIS B 137 -23.09 7.47 -10.19
N CYS B 138 -21.79 7.52 -10.42
CA CYS B 138 -21.33 7.90 -11.75
C CYS B 138 -20.01 7.29 -12.19
N ARG B 139 -19.35 6.46 -11.39
CA ARG B 139 -18.16 5.77 -11.88
C ARG B 139 -18.48 5.00 -13.12
N ASP B 140 -19.62 4.34 -13.15
CA ASP B 140 -20.00 3.47 -14.27
C ASP B 140 -20.29 4.23 -15.57
N LEU B 141 -20.52 5.53 -15.49
CA LEU B 141 -20.72 6.41 -16.63
C LEU B 141 -19.39 6.91 -17.22
N GLY B 142 -18.24 6.53 -16.65
CA GLY B 142 -16.97 7.06 -17.08
C GLY B 142 -16.68 8.46 -16.57
N GLU B 143 -17.41 8.93 -15.56
CA GLU B 143 -17.20 10.28 -15.06
C GLU B 143 -15.92 10.33 -14.24
N GLU B 144 -15.48 11.56 -13.97
CA GLU B 144 -14.25 11.75 -13.20
C GLU B 144 -14.47 11.43 -11.72
N PHE B 145 -15.64 11.71 -11.19
CA PHE B 145 -15.99 11.29 -9.84
C PHE B 145 -16.70 9.95 -9.88
N ASP B 146 -16.75 9.29 -8.70
CA ASP B 146 -17.52 8.05 -8.54
C ASP B 146 -18.95 8.28 -8.08
N PHE B 147 -19.17 9.31 -7.30
CA PHE B 147 -20.45 9.55 -6.64
C PHE B 147 -20.73 11.03 -6.64
N LEU B 148 -22.00 11.36 -6.72
CA LEU B 148 -22.43 12.73 -6.37
C LEU B 148 -23.36 12.58 -5.20
N THR B 149 -22.95 13.12 -4.05
CA THR B 149 -23.78 13.14 -2.85
C THR B 149 -24.35 14.53 -2.68
N TRP B 150 -25.56 14.57 -2.17
CA TRP B 150 -26.38 15.76 -2.09
C TRP B 150 -27.02 15.77 -0.72
N PHE B 151 -26.85 16.88 0.00
CA PHE B 151 -27.42 17.09 1.33
C PHE B 151 -28.12 18.45 1.36
N GLU B 152 -29.26 18.49 2.04
CA GLU B 152 -29.98 19.75 2.19
C GLU B 152 -30.63 19.84 3.56
N PHE B 153 -30.65 21.07 4.09
CA PHE B 153 -31.07 21.28 5.48
C PHE B 153 -31.32 22.77 5.75
N ALA B 154 -32.00 23.06 6.87
CA ALA B 154 -32.22 24.41 7.37
C ALA B 154 -30.96 24.92 8.04
N PRO B 155 -30.78 26.25 8.06
CA PRO B 155 -29.64 26.82 8.78
C PRO B 155 -29.44 26.28 10.19
N GLU B 156 -30.50 25.93 10.89
CA GLU B 156 -30.37 25.44 12.26
C GLU B 156 -29.56 24.15 12.36
N HIS B 157 -29.43 23.38 11.25
CA HIS B 157 -28.63 22.15 11.22
C HIS B 157 -27.25 22.32 10.58
N SER B 158 -26.87 23.56 10.22
CA SER B 158 -25.58 23.81 9.61
C SER B 158 -24.44 23.29 10.47
N SER B 159 -24.45 23.67 11.77
CA SER B 159 -23.36 23.26 12.64
C SER B 159 -23.29 21.75 12.77
N ALA B 160 -24.45 21.08 12.79
CA ALA B 160 -24.48 19.64 12.95
C ALA B 160 -23.95 18.97 11.70
N PHE B 161 -24.25 19.53 10.54
CA PHE B 161 -23.74 18.97 9.30
C PHE B 161 -22.23 19.14 9.21
N ASN B 162 -21.72 20.29 9.69
CA ASN B 162 -20.28 20.46 9.65
C ASN B 162 -19.57 19.46 10.56
N GLU B 163 -20.21 19.14 11.68
CA GLU B 163 -19.65 18.15 12.58
C GLU B 163 -19.62 16.80 11.88
N LEU B 164 -20.74 16.41 11.29
CA LEU B 164 -20.79 15.16 10.52
C LEU B 164 -19.64 15.05 9.49
N LEU B 165 -19.41 16.10 8.71
CA LEU B 165 -18.30 16.08 7.76
C LEU B 165 -16.98 15.79 8.44
N LEU B 166 -16.70 16.47 9.58
CA LEU B 166 -15.44 16.17 10.24
C LEU B 166 -15.38 14.72 10.69
N ARG B 167 -16.48 14.16 11.17
CA ARG B 167 -16.43 12.77 11.63
C ARG B 167 -16.22 11.79 10.44
N MET B 168 -16.92 12.01 9.33
N MET B 168 -16.91 12.00 9.32
CA MET B 168 -16.78 11.11 8.17
CA MET B 168 -16.75 11.08 8.17
C MET B 168 -15.38 11.18 7.59
C MET B 168 -15.36 11.18 7.58
N ARG B 169 -14.81 12.40 7.47
CA ARG B 169 -13.49 12.54 6.87
C ARG B 169 -12.39 11.86 7.69
N ALA B 170 -12.66 11.54 8.97
CA ALA B 170 -11.68 10.86 9.80
C ALA B 170 -11.83 9.35 9.77
N SER B 171 -12.85 8.82 9.10
CA SER B 171 -13.16 7.41 9.15
C SER B 171 -12.27 6.58 8.22
N LYS B 172 -12.26 5.29 8.53
CA LYS B 172 -11.52 4.31 7.72
C LYS B 172 -11.96 4.33 6.25
N GLU B 173 -13.27 4.42 6.02
CA GLU B 173 -13.78 4.56 4.64
C GLU B 173 -13.09 5.70 3.91
N TRP B 174 -12.87 6.82 4.59
CA TRP B 174 -12.28 7.99 3.95
C TRP B 174 -10.81 7.82 3.63
N GLU B 175 -10.15 6.79 4.13
CA GLU B 175 -8.80 6.50 3.71
C GLU B 175 -8.73 6.05 2.25
N TYR B 176 -9.87 5.67 1.67
CA TYR B 176 -9.92 5.27 0.28
C TYR B 176 -10.43 6.38 -0.63
N VAL B 177 -10.71 7.60 -0.09
CA VAL B 177 -11.21 8.68 -0.94
C VAL B 177 -10.02 9.40 -1.55
N GLU B 178 -9.98 9.51 -2.89
CA GLU B 178 -8.85 10.16 -3.57
C GLU B 178 -9.17 11.48 -4.29
N ARG B 179 -10.44 11.86 -4.41
CA ARG B 179 -10.80 13.20 -4.87
C ARG B 179 -12.14 13.56 -4.28
N GLU B 180 -12.29 14.83 -3.88
CA GLU B 180 -13.48 15.27 -3.19
C GLU B 180 -13.56 16.79 -3.24
N VAL B 181 -14.77 17.29 -3.47
CA VAL B 181 -15.06 18.72 -3.55
C VAL B 181 -16.39 18.96 -2.87
N GLU B 182 -16.53 20.11 -2.17
CA GLU B 182 -17.80 20.52 -1.61
C GLU B 182 -18.28 21.76 -2.35
N VAL B 183 -19.49 21.72 -2.89
CA VAL B 183 -20.13 22.88 -3.46
C VAL B 183 -21.27 23.26 -2.53
N TRP B 184 -21.08 24.35 -1.77
CA TRP B 184 -22.07 24.80 -0.80
C TRP B 184 -23.01 25.77 -1.51
N LEU B 185 -24.32 25.57 -1.31
CA LEU B 185 -25.36 26.17 -2.12
C LEU B 185 -26.42 26.82 -1.23
N LYS B 186 -27.10 27.83 -1.77
CA LYS B 186 -28.29 28.38 -1.14
C LYS B 186 -29.42 28.40 -2.14
N ARG B 187 -30.63 28.04 -1.69
CA ARG B 187 -31.77 27.89 -2.61
C ARG B 187 -32.29 29.25 -3.03
N LEU B 188 -32.36 29.49 -4.32
CA LEU B 188 -32.81 30.81 -4.77
C LEU B 188 -34.32 30.94 -4.75
N ASN C 8 36.57 1.45 -0.40
CA ASN C 8 35.18 1.87 -0.51
C ASN C 8 34.24 0.71 -0.16
N ASN C 9 33.32 0.96 0.77
CA ASN C 9 32.47 -0.08 1.31
C ASN C 9 31.17 -0.26 0.54
N ARG C 10 30.95 0.48 -0.55
CA ARG C 10 29.69 0.47 -1.30
C ARG C 10 29.79 -0.37 -2.56
N TYR C 11 28.74 -1.12 -2.84
CA TYR C 11 28.69 -1.97 -4.02
C TYR C 11 27.35 -1.78 -4.71
N SER C 12 27.39 -1.74 -6.04
CA SER C 12 26.17 -1.68 -6.83
C SER C 12 26.11 -2.92 -7.72
N PHE C 13 24.88 -3.40 -7.93
CA PHE C 13 24.60 -4.53 -8.81
C PHE C 13 23.60 -4.06 -9.85
N ILE C 14 23.98 -4.09 -11.12
CA ILE C 14 23.19 -3.55 -12.18
C ILE C 14 22.77 -4.71 -13.09
N GLY C 15 21.46 -4.98 -13.14
CA GLY C 15 20.92 -6.03 -14.01
C GLY C 15 20.66 -5.41 -15.35
N GLY C 16 21.26 -5.99 -16.37
CA GLY C 16 21.14 -5.48 -17.72
C GLY C 16 21.95 -6.30 -18.69
N ARG C 17 22.56 -5.65 -19.67
CA ARG C 17 23.16 -6.35 -20.80
C ARG C 17 24.67 -6.44 -20.72
N THR C 18 25.30 -5.90 -19.67
CA THR C 18 26.75 -6.04 -19.52
C THR C 18 27.04 -6.44 -18.09
N GLY C 19 28.23 -6.91 -17.87
CA GLY C 19 28.66 -7.28 -16.53
C GLY C 19 29.60 -8.47 -16.58
N GLN C 20 30.09 -8.81 -15.40
CA GLN C 20 31.01 -9.93 -15.20
C GLN C 20 30.30 -11.25 -15.03
N TRP C 21 28.97 -11.24 -14.91
CA TRP C 21 28.18 -12.41 -14.53
C TRP C 21 27.02 -12.58 -15.49
N GLN C 22 26.87 -13.81 -16.01
CA GLN C 22 25.72 -14.20 -16.81
C GLN C 22 24.59 -14.62 -15.86
N VAL C 23 23.40 -14.11 -16.10
CA VAL C 23 22.24 -14.52 -15.33
C VAL C 23 21.75 -15.88 -15.83
N VAL C 24 21.81 -16.88 -14.96
CA VAL C 24 21.26 -18.20 -15.25
C VAL C 24 19.75 -18.23 -15.08
N LYS C 25 19.26 -17.67 -13.98
CA LYS C 25 17.82 -17.64 -13.71
C LYS C 25 17.58 -16.66 -12.58
N ILE C 26 16.33 -16.20 -12.49
CA ILE C 26 15.87 -15.40 -11.35
C ILE C 26 14.65 -16.09 -10.78
N ARG C 27 14.66 -16.35 -9.48
CA ARG C 27 13.52 -16.90 -8.75
C ARG C 27 12.94 -15.79 -7.91
N ASN C 28 11.70 -15.43 -8.17
CA ASN C 28 11.04 -14.38 -7.36
C ASN C 28 10.36 -15.05 -6.17
N VAL C 29 11.14 -15.27 -5.11
CA VAL C 29 10.72 -16.09 -3.97
C VAL C 29 9.50 -15.47 -3.26
N LEU C 30 9.58 -14.19 -2.90
CA LEU C 30 8.53 -13.59 -2.08
C LEU C 30 8.43 -12.11 -2.42
N GLY C 31 7.23 -11.64 -2.66
CA GLY C 31 6.98 -10.25 -2.99
C GLY C 31 7.43 -9.88 -4.39
N PRO C 32 7.44 -8.59 -4.70
CA PRO C 32 7.76 -8.18 -6.08
C PRO C 32 9.15 -8.64 -6.53
N GLY C 33 9.21 -9.11 -7.77
CA GLY C 33 10.40 -9.72 -8.32
C GLY C 33 11.38 -8.72 -8.87
N LEU C 34 12.41 -9.25 -9.52
CA LEU C 34 13.37 -8.47 -10.26
C LEU C 34 13.33 -8.96 -11.69
N GLN C 35 13.32 -8.04 -12.64
CA GLN C 35 13.16 -8.39 -14.04
C GLN C 35 14.31 -9.25 -14.53
N LEU C 36 14.00 -10.30 -15.30
CA LEU C 36 15.03 -11.12 -15.89
C LEU C 36 15.87 -10.30 -16.87
N VAL C 37 17.19 -10.46 -16.79
CA VAL C 37 18.12 -9.71 -17.61
C VAL C 37 19.20 -10.68 -18.05
N GLU C 38 20.04 -10.21 -18.97
CA GLU C 38 21.10 -11.06 -19.48
C GLU C 38 22.28 -11.21 -18.52
N LYS C 39 22.66 -10.11 -17.82
CA LYS C 39 23.89 -10.07 -17.03
C LYS C 39 23.72 -9.19 -15.82
N VAL C 40 24.68 -9.33 -14.92
CA VAL C 40 24.80 -8.40 -13.79
C VAL C 40 26.20 -7.84 -13.79
N ASN C 41 26.29 -6.52 -13.65
CA ASN C 41 27.54 -5.80 -13.55
C ASN C 41 27.69 -5.33 -12.11
N ILE C 42 28.80 -5.67 -11.50
CA ILE C 42 29.06 -5.32 -10.10
C ILE C 42 30.15 -4.27 -10.06
N LEU C 43 29.86 -3.15 -9.39
CA LEU C 43 30.77 -2.02 -9.30
C LEU C 43 31.04 -1.74 -7.84
N ASN C 44 32.31 -1.57 -7.48
CA ASN C 44 32.69 -1.21 -6.10
C ASN C 44 32.61 0.30 -6.07
N GLY C 45 31.47 0.82 -5.63
CA GLY C 45 31.15 2.24 -5.60
C GLY C 45 29.68 2.43 -5.95
N ASP C 53 19.68 0.83 -20.94
CA ASP C 53 19.85 -0.56 -21.35
C ASP C 53 19.83 -1.51 -20.14
N SER C 54 19.82 -0.96 -18.94
CA SER C 54 19.74 -1.77 -17.73
C SER C 54 18.36 -1.65 -17.10
N ALA C 55 17.98 -2.68 -16.33
CA ALA C 55 16.63 -2.80 -15.81
C ALA C 55 16.51 -2.49 -14.33
N TRP C 56 17.56 -2.71 -13.55
CA TRP C 56 17.50 -2.41 -12.14
C TRP C 56 18.91 -2.24 -11.62
N ARG C 57 18.99 -1.52 -10.50
CA ARG C 57 20.24 -1.34 -9.78
C ARG C 57 19.92 -1.60 -8.33
N LEU C 58 20.74 -2.42 -7.67
CA LEU C 58 20.72 -2.63 -6.24
C LEU C 58 22.03 -2.06 -5.68
N GLN C 59 22.02 -1.55 -4.44
CA GLN C 59 23.26 -1.12 -3.80
C GLN C 59 23.20 -1.43 -2.30
N GLY C 60 24.39 -1.57 -1.71
CA GLY C 60 24.52 -1.85 -0.29
C GLY C 60 25.95 -1.63 0.12
N PHE C 61 26.16 -1.52 1.43
CA PHE C 61 27.48 -1.32 1.99
C PHE C 61 27.90 -2.48 2.90
N ALA C 62 29.21 -2.71 2.94
CA ALA C 62 29.78 -3.64 3.91
C ALA C 62 29.86 -2.89 5.25
N SER C 63 29.60 -3.61 6.33
CA SER C 63 29.49 -2.97 7.63
C SER C 63 30.07 -3.84 8.74
N ASN C 64 30.06 -3.29 9.96
CA ASN C 64 30.44 -4.07 11.11
C ASN C 64 29.44 -5.17 11.42
N ILE C 65 29.95 -6.13 12.20
CA ILE C 65 29.18 -7.24 12.75
C ILE C 65 28.08 -6.75 13.68
N ARG C 66 26.90 -7.34 13.50
CA ARG C 66 25.70 -6.95 14.26
C ARG C 66 25.23 -8.00 15.28
N TYR C 67 25.62 -9.28 15.10
CA TYR C 67 25.07 -10.38 15.88
C TYR C 67 26.15 -11.34 16.30
N ALA C 68 27.10 -11.64 15.43
CA ALA C 68 28.02 -12.72 15.73
C ALA C 68 28.90 -12.39 16.94
N ILE C 69 29.07 -13.37 17.81
CA ILE C 69 29.87 -13.21 19.01
C ILE C 69 31.28 -13.71 18.72
N ARG C 70 32.21 -13.39 19.62
CA ARG C 70 33.62 -13.67 19.34
C ARG C 70 33.85 -15.13 18.93
N THR C 71 33.33 -16.10 19.70
CA THR C 71 33.58 -17.52 19.38
C THR C 71 33.00 -17.89 18.03
N GLU C 72 31.86 -17.30 17.66
CA GLU C 72 31.33 -17.55 16.32
C GLU C 72 32.26 -16.97 15.28
N LEU C 73 32.79 -15.75 15.50
CA LEU C 73 33.74 -15.17 14.56
C LEU C 73 34.98 -16.05 14.41
N GLU C 74 35.47 -16.61 15.51
CA GLU C 74 36.62 -17.50 15.43
C GLU C 74 36.30 -18.74 14.61
N ALA C 75 35.11 -19.31 14.81
CA ALA C 75 34.75 -20.51 14.03
C ALA C 75 34.62 -20.20 12.54
N LEU C 76 33.99 -19.06 12.21
CA LEU C 76 33.86 -18.67 10.82
C LEU C 76 35.22 -18.39 10.21
N GLN C 77 36.06 -17.71 10.97
CA GLN C 77 37.40 -17.39 10.50
C GLN C 77 38.24 -18.63 10.26
N ALA C 78 38.05 -19.70 11.05
CA ALA C 78 38.83 -20.92 10.87
C ALA C 78 38.57 -21.61 9.53
N VAL C 79 37.39 -21.40 8.94
CA VAL C 79 37.01 -22.24 7.80
C VAL C 79 36.49 -21.46 6.61
N GLN C 80 36.07 -20.22 6.72
CA GLN C 80 35.36 -19.59 5.61
C GLN C 80 36.34 -19.25 4.50
N PRO C 81 35.99 -19.51 3.24
CA PRO C 81 36.91 -19.23 2.14
C PRO C 81 36.81 -17.76 1.73
N MET C 82 37.80 -17.34 0.96
CA MET C 82 37.79 -16.04 0.33
C MET C 82 36.87 -16.00 -0.86
N LEU C 83 36.38 -14.81 -1.19
CA LEU C 83 35.78 -14.59 -2.49
C LEU C 83 36.86 -14.76 -3.55
N ASN C 84 36.38 -14.98 -4.79
CA ASN C 84 37.20 -15.00 -5.99
C ASN C 84 38.11 -16.22 -6.12
N ARG C 85 37.74 -17.34 -5.49
CA ARG C 85 38.42 -18.60 -5.80
C ARG C 85 38.25 -18.92 -7.29
N ALA C 86 39.35 -19.37 -7.91
CA ALA C 86 39.27 -19.77 -9.30
C ALA C 86 38.11 -20.72 -9.54
N GLU C 87 37.86 -21.64 -8.61
CA GLU C 87 36.82 -22.64 -8.80
C GLU C 87 35.42 -22.07 -8.63
N ALA C 88 35.27 -20.89 -8.03
CA ALA C 88 33.95 -20.36 -7.62
C ALA C 88 33.24 -19.68 -8.79
N ILE C 89 32.82 -20.50 -9.75
CA ILE C 89 32.24 -19.90 -10.96
C ILE C 89 30.73 -19.77 -10.93
N LEU C 90 30.06 -20.26 -9.91
CA LEU C 90 28.65 -20.04 -9.69
C LEU C 90 28.43 -19.08 -8.52
N ALA C 91 27.41 -18.27 -8.68
CA ALA C 91 27.08 -17.34 -7.60
C ALA C 91 25.56 -17.11 -7.55
N VAL C 92 25.10 -16.64 -6.37
CA VAL C 92 23.71 -16.29 -6.19
C VAL C 92 23.64 -14.97 -5.40
N LEU C 93 22.93 -13.96 -5.94
CA LEU C 93 22.70 -12.67 -5.28
C LEU C 93 21.30 -12.74 -4.75
N ILE C 94 21.15 -12.59 -3.43
CA ILE C 94 19.86 -12.77 -2.78
C ILE C 94 19.49 -11.52 -1.99
N PRO C 95 18.75 -10.59 -2.59
CA PRO C 95 18.28 -9.41 -1.85
C PRO C 95 17.12 -9.81 -0.96
N ILE C 96 17.11 -9.28 0.25
CA ILE C 96 16.20 -9.71 1.30
C ILE C 96 15.67 -8.48 2.02
N LYS C 97 14.38 -8.46 2.32
CA LYS C 97 13.79 -7.43 3.16
C LYS C 97 13.12 -8.10 4.33
N LYS C 98 13.34 -7.55 5.54
CA LYS C 98 12.67 -8.01 6.74
C LYS C 98 11.59 -7.02 7.16
N SER C 99 10.68 -7.50 7.99
CA SER C 99 9.44 -6.78 8.26
C SER C 99 9.64 -5.68 9.30
N ALA C 100 8.68 -4.74 9.33
CA ALA C 100 8.75 -3.68 10.35
C ALA C 100 8.76 -4.27 11.76
N GLN C 101 8.04 -5.36 11.98
CA GLN C 101 8.04 -6.04 13.26
C GLN C 101 9.44 -6.46 13.66
N TRP C 102 10.23 -6.94 12.69
CA TRP C 102 11.60 -7.33 12.96
C TRP C 102 12.39 -6.13 13.47
N TRP C 103 12.34 -5.03 12.71
CA TRP C 103 13.19 -3.86 12.99
C TRP C 103 12.82 -3.16 14.26
N GLU C 104 11.59 -3.30 14.73
CA GLU C 104 11.20 -2.67 15.99
C GLU C 104 11.70 -3.45 17.20
N MET C 105 12.06 -4.70 17.05
CA MET C 105 12.55 -5.48 18.17
C MET C 105 13.89 -4.95 18.66
N ALA C 106 14.13 -5.18 19.95
CA ALA C 106 15.38 -4.81 20.61
C ALA C 106 16.51 -5.76 20.19
N GLN C 107 17.73 -5.41 20.57
CA GLN C 107 18.91 -6.16 20.13
C GLN C 107 18.88 -7.58 20.67
N ASP C 108 18.52 -7.77 21.95
CA ASP C 108 18.50 -9.12 22.49
C ASP C 108 17.43 -10.00 21.81
N GLU C 109 16.28 -9.40 21.48
CA GLU C 109 15.18 -10.11 20.84
C GLU C 109 15.59 -10.62 19.46
N ARG C 110 16.28 -9.75 18.68
CA ARG C 110 16.69 -10.15 17.35
C ARG C 110 17.84 -11.15 17.41
N ARG C 111 18.82 -10.98 18.26
CA ARG C 111 19.88 -11.96 18.43
C ARG C 111 19.29 -13.33 18.81
N ASP C 112 18.32 -13.33 19.70
CA ASP C 112 17.72 -14.60 20.11
C ASP C 112 17.06 -15.30 18.94
N ILE C 113 16.35 -14.58 18.06
CA ILE C 113 15.73 -15.22 16.91
C ILE C 113 16.80 -15.67 15.93
N PHE C 114 17.79 -14.80 15.69
CA PHE C 114 18.80 -15.01 14.66
C PHE C 114 19.59 -16.26 14.95
N GLU C 115 20.05 -16.42 16.18
CA GLU C 115 20.91 -17.52 16.55
C GLU C 115 20.28 -18.52 17.50
N ARG C 116 19.76 -18.10 18.66
CA ARG C 116 19.30 -19.12 19.60
C ARG C 116 18.17 -19.98 19.01
N GLU C 117 17.26 -19.36 18.26
CA GLU C 117 16.15 -20.09 17.67
C GLU C 117 16.49 -20.61 16.29
N SER C 118 17.07 -19.77 15.44
CA SER C 118 17.25 -20.09 14.04
C SER C 118 18.62 -20.67 13.73
N HIS C 119 19.60 -20.54 14.61
CA HIS C 119 20.91 -21.15 14.38
C HIS C 119 21.54 -20.73 13.04
N HIS C 120 21.40 -19.44 12.68
CA HIS C 120 21.83 -18.98 11.35
C HIS C 120 23.31 -19.30 11.12
N THR C 121 24.16 -18.94 12.09
CA THR C 121 25.61 -19.12 11.95
C THR C 121 25.98 -20.60 12.02
N ALA C 122 25.41 -21.34 12.99
CA ALA C 122 25.77 -22.74 13.15
C ALA C 122 25.33 -23.52 11.92
N VAL C 123 24.13 -23.24 11.40
CA VAL C 123 23.71 -23.92 10.17
C VAL C 123 24.59 -23.52 9.01
N GLY C 124 24.81 -22.23 8.86
CA GLY C 124 25.61 -21.77 7.75
C GLY C 124 26.99 -22.40 7.76
N LEU C 125 27.58 -22.56 8.96
CA LEU C 125 28.92 -23.15 9.08
C LEU C 125 29.02 -24.52 8.44
N GLU C 126 27.93 -25.29 8.41
CA GLU C 126 27.95 -26.62 7.84
C GLU C 126 28.24 -26.59 6.34
N TYR C 127 28.15 -25.44 5.69
CA TYR C 127 28.33 -25.35 4.23
C TYR C 127 29.64 -24.67 3.85
N LEU C 128 30.53 -24.47 4.83
CA LEU C 128 31.86 -23.94 4.61
C LEU C 128 32.85 -25.09 4.76
N PRO C 129 33.97 -25.08 4.03
CA PRO C 129 34.48 -24.03 3.15
C PRO C 129 33.88 -23.97 1.73
N GLY C 130 32.93 -24.83 1.37
CA GLY C 130 32.42 -24.81 0.00
C GLY C 130 31.90 -23.44 -0.44
N VAL C 131 31.13 -22.79 0.43
CA VAL C 131 30.42 -21.57 0.07
C VAL C 131 31.15 -20.36 0.66
N ALA C 132 31.53 -19.43 -0.20
CA ALA C 132 32.01 -18.11 0.20
C ALA C 132 30.84 -17.11 0.17
N ARG C 133 30.92 -16.08 1.03
CA ARG C 133 29.79 -15.18 1.07
C ARG C 133 30.24 -13.75 1.34
N ARG C 134 29.36 -12.82 1.00
CA ARG C 134 29.53 -11.42 1.41
C ARG C 134 28.18 -10.79 1.75
N LEU C 135 28.10 -10.18 2.93
CA LEU C 135 26.90 -9.55 3.38
C LEU C 135 27.00 -8.06 3.19
N LEU C 136 25.98 -7.48 2.56
CA LEU C 136 25.82 -6.04 2.41
C LEU C 136 24.49 -5.57 2.98
N HIS C 137 24.54 -4.37 3.57
CA HIS C 137 23.37 -3.75 4.21
C HIS C 137 22.83 -2.61 3.33
N CYS C 138 21.52 -2.42 3.30
CA CYS C 138 20.98 -1.32 2.48
C CYS C 138 19.67 -0.71 2.98
N ARG C 139 19.07 -1.25 4.04
CA ARG C 139 17.90 -0.57 4.62
C ARG C 139 18.21 0.90 4.98
N ASP C 140 19.39 1.14 5.53
CA ASP C 140 19.76 2.49 5.94
C ASP C 140 19.96 3.44 4.76
N LEU C 141 20.13 2.92 3.56
CA LEU C 141 20.24 3.76 2.37
C LEU C 141 18.87 4.07 1.77
N GLY C 142 17.80 3.58 2.36
CA GLY C 142 16.49 3.83 1.83
C GLY C 142 16.13 2.94 0.65
N GLU C 143 16.86 1.85 0.44
CA GLU C 143 16.61 0.93 -0.66
C GLU C 143 15.35 0.12 -0.38
N GLU C 144 14.86 -0.54 -1.45
CA GLU C 144 13.67 -1.36 -1.37
C GLU C 144 13.91 -2.71 -0.72
N PHE C 145 15.15 -3.15 -0.59
CA PHE C 145 15.53 -4.30 0.20
C PHE C 145 16.32 -3.82 1.42
N ASP C 146 16.51 -4.71 2.40
CA ASP C 146 17.33 -4.37 3.57
C ASP C 146 18.75 -4.90 3.49
N PHE C 147 18.96 -6.02 2.76
CA PHE C 147 20.25 -6.68 2.67
C PHE C 147 20.46 -7.14 1.23
N LEU C 148 21.70 -7.11 0.79
CA LEU C 148 22.10 -7.87 -0.41
C LEU C 148 23.05 -8.95 0.06
N THR C 149 22.66 -10.24 -0.05
CA THR C 149 23.54 -11.34 0.30
C THR C 149 24.07 -11.95 -0.98
N TRP C 150 25.27 -12.46 -0.87
CA TRP C 150 26.07 -12.92 -1.96
C TRP C 150 26.77 -14.20 -1.54
N PHE C 151 26.60 -15.26 -2.39
CA PHE C 151 27.21 -16.56 -2.18
C PHE C 151 27.87 -17.02 -3.47
N GLU C 152 29.00 -17.68 -3.35
CA GLU C 152 29.64 -18.18 -4.55
C GLU C 152 30.39 -19.46 -4.24
N PHE C 153 30.45 -20.35 -5.25
CA PHE C 153 30.91 -21.70 -5.00
C PHE C 153 31.11 -22.39 -6.34
N ALA C 154 31.86 -23.48 -6.27
CA ALA C 154 32.06 -24.38 -7.40
C ALA C 154 30.77 -25.16 -7.62
N PRO C 155 30.57 -25.70 -8.85
CA PRO C 155 29.40 -26.56 -9.15
C PRO C 155 29.22 -27.73 -8.19
N GLU C 156 30.30 -28.27 -7.65
CA GLU C 156 30.19 -29.41 -6.73
C GLU C 156 29.37 -29.08 -5.49
N HIS C 157 29.19 -27.81 -5.17
CA HIS C 157 28.45 -27.40 -3.97
C HIS C 157 27.04 -26.91 -4.26
N SER C 158 26.59 -27.00 -5.51
CA SER C 158 25.28 -26.47 -5.86
C SER C 158 24.16 -27.16 -5.09
N SER C 159 24.16 -28.51 -5.07
CA SER C 159 23.10 -29.22 -4.37
C SER C 159 23.08 -28.88 -2.88
N ALA C 160 24.28 -28.77 -2.27
CA ALA C 160 24.36 -28.40 -0.87
C ALA C 160 23.83 -27.00 -0.65
N PHE C 161 24.12 -26.06 -1.55
CA PHE C 161 23.61 -24.69 -1.32
C PHE C 161 22.10 -24.66 -1.45
N ASN C 162 21.54 -25.45 -2.39
CA ASN C 162 20.08 -25.52 -2.51
C ASN C 162 19.44 -26.12 -1.27
N GLU C 163 20.15 -27.03 -0.61
CA GLU C 163 19.71 -27.57 0.67
C GLU C 163 19.67 -26.47 1.75
N LEU C 164 20.78 -25.75 1.90
CA LEU C 164 20.82 -24.64 2.85
C LEU C 164 19.66 -23.67 2.67
N LEU C 165 19.35 -23.27 1.44
CA LEU C 165 18.25 -22.33 1.23
C LEU C 165 16.95 -22.88 1.81
N LEU C 166 16.63 -24.16 1.47
CA LEU C 166 15.42 -24.75 2.03
C LEU C 166 15.43 -24.71 3.56
N ARG C 167 16.58 -24.98 4.17
CA ARG C 167 16.65 -24.97 5.64
C ARG C 167 16.45 -23.57 6.20
N MET C 168 17.05 -22.55 5.59
N MET C 168 17.09 -22.57 5.58
CA MET C 168 16.90 -21.22 6.16
CA MET C 168 16.98 -21.19 6.04
C MET C 168 15.49 -20.67 5.94
C MET C 168 15.55 -20.69 5.92
N ARG C 169 14.88 -21.01 4.80
CA ARG C 169 13.55 -20.49 4.48
C ARG C 169 12.49 -21.04 5.45
N ALA C 170 12.82 -22.13 6.15
CA ALA C 170 11.94 -22.73 7.12
C ALA C 170 12.21 -22.28 8.53
N SER C 171 13.16 -21.37 8.75
CA SER C 171 13.54 -20.97 10.11
C SER C 171 12.62 -19.89 10.69
N LYS C 172 12.70 -19.74 12.01
CA LYS C 172 11.97 -18.65 12.67
C LYS C 172 12.39 -17.30 12.10
N GLU C 173 13.69 -17.10 11.86
CA GLU C 173 14.14 -15.83 11.31
C GLU C 173 13.35 -15.51 10.03
N TRP C 174 13.11 -16.52 9.20
CA TRP C 174 12.49 -16.26 7.90
C TRP C 174 11.01 -15.93 7.99
N GLU C 175 10.40 -16.15 9.14
CA GLU C 175 9.04 -15.69 9.31
C GLU C 175 8.97 -14.16 9.26
N TYR C 176 10.10 -13.46 9.45
CA TYR C 176 10.13 -12.00 9.33
C TYR C 176 10.56 -11.53 7.95
N VAL C 177 10.88 -12.43 7.00
CA VAL C 177 11.23 -11.97 5.67
C VAL C 177 9.96 -11.64 4.89
N GLU C 178 9.95 -10.47 4.25
CA GLU C 178 8.77 -10.03 3.53
C GLU C 178 8.99 -9.77 2.03
N ARG C 179 10.24 -9.62 1.57
CA ARG C 179 10.53 -9.65 0.13
C ARG C 179 11.85 -10.36 -0.09
N GLU C 180 11.94 -11.10 -1.20
CA GLU C 180 13.14 -11.89 -1.39
C GLU C 180 13.19 -12.36 -2.85
N VAL C 181 14.39 -12.30 -3.45
CA VAL C 181 14.64 -12.70 -4.84
C VAL C 181 15.97 -13.46 -4.88
N GLU C 182 16.08 -14.46 -5.79
CA GLU C 182 17.37 -15.10 -6.04
C GLU C 182 17.80 -14.81 -7.47
N VAL C 183 18.99 -14.25 -7.65
CA VAL C 183 19.55 -14.03 -8.97
C VAL C 183 20.74 -14.99 -9.09
N TRP C 184 20.55 -16.08 -9.88
CA TRP C 184 21.59 -17.09 -9.98
C TRP C 184 22.48 -16.72 -11.15
N LEU C 185 23.79 -16.77 -10.96
CA LEU C 185 24.76 -16.20 -11.89
C LEU C 185 25.85 -17.21 -12.21
N LYS C 186 26.52 -17.01 -13.34
CA LYS C 186 27.68 -17.78 -13.73
C LYS C 186 28.75 -16.81 -14.19
N ARG C 187 29.98 -17.04 -13.74
CA ARG C 187 31.06 -16.07 -13.93
C ARG C 187 31.55 -16.16 -15.38
N LEU C 188 31.65 -15.02 -16.04
CA LEU C 188 32.12 -14.92 -17.41
C LEU C 188 33.66 -14.86 -17.48
N ASN D 8 11.99 10.05 5.41
CA ASN D 8 13.41 9.93 5.08
C ASN D 8 14.26 9.93 6.35
N ASN D 9 15.18 8.99 6.39
CA ASN D 9 16.00 8.75 7.57
C ASN D 9 17.31 9.52 7.55
N ARG D 10 17.58 10.32 6.52
CA ARG D 10 18.87 11.03 6.38
C ARG D 10 18.77 12.48 6.88
N TYR D 11 19.80 12.93 7.60
CA TYR D 11 19.86 14.26 8.19
C TYR D 11 21.22 14.85 7.84
N SER D 12 21.23 16.13 7.46
CA SER D 12 22.44 16.89 7.18
C SER D 12 22.52 18.10 8.11
N PHE D 13 23.72 18.38 8.57
CA PHE D 13 24.02 19.51 9.44
C PHE D 13 25.06 20.34 8.70
N ILE D 14 24.69 21.55 8.28
CA ILE D 14 25.56 22.41 7.48
C ILE D 14 25.97 23.58 8.34
N GLY D 15 27.28 23.67 8.59
CA GLY D 15 27.84 24.79 9.37
C GLY D 15 28.15 25.93 8.43
N GLY D 16 27.62 27.11 8.76
CA GLY D 16 27.67 28.22 7.82
C GLY D 16 26.90 29.42 8.33
N ARG D 17 26.34 30.18 7.39
CA ARG D 17 25.75 31.49 7.71
C ARG D 17 24.25 31.44 7.93
N THR D 18 23.60 30.32 7.61
CA THR D 18 22.15 30.19 7.72
C THR D 18 21.80 28.99 8.58
N GLY D 19 20.56 28.99 9.07
CA GLY D 19 20.08 27.83 9.80
C GLY D 19 19.17 28.15 10.97
N GLN D 20 18.63 27.10 11.59
CA GLN D 20 17.72 27.27 12.73
C GLN D 20 18.44 27.43 14.05
N TRP D 21 19.74 27.19 14.09
CA TRP D 21 20.50 27.13 15.33
C TRP D 21 21.70 28.06 15.22
N GLN D 22 21.84 28.90 16.24
CA GLN D 22 23.01 29.76 16.34
C GLN D 22 24.11 29.00 17.08
N VAL D 23 25.33 29.09 16.57
CA VAL D 23 26.47 28.48 17.26
C VAL D 23 26.89 29.31 18.46
N VAL D 24 26.87 28.69 19.62
CA VAL D 24 27.33 29.34 20.85
C VAL D 24 28.83 29.20 20.98
N LYS D 25 29.34 27.96 20.89
CA LYS D 25 30.78 27.70 20.88
C LYS D 25 31.02 26.32 20.26
N ILE D 26 32.25 26.10 19.85
CA ILE D 26 32.72 24.79 19.38
C ILE D 26 33.91 24.38 20.22
N ARG D 27 33.84 23.21 20.81
CA ARG D 27 34.94 22.67 21.59
C ARG D 27 35.53 21.50 20.83
N ASN D 28 36.77 21.65 20.40
CA ASN D 28 37.47 20.61 19.63
C ASN D 28 38.13 19.66 20.61
N VAL D 29 37.30 18.75 21.11
CA VAL D 29 37.63 17.87 22.23
C VAL D 29 38.81 16.97 21.90
N LEU D 30 38.73 16.26 20.78
CA LEU D 30 39.76 15.27 20.48
C LEU D 30 39.89 15.12 18.97
N GLY D 31 41.12 15.16 18.49
CA GLY D 31 41.39 15.06 17.08
C GLY D 31 41.03 16.35 16.36
N PRO D 32 41.03 16.29 15.03
CA PRO D 32 40.77 17.49 14.24
C PRO D 32 39.39 18.07 14.52
N GLY D 33 39.34 19.38 14.63
CA GLY D 33 38.11 20.07 14.96
C GLY D 33 37.24 20.40 13.74
N LEU D 34 36.23 21.23 14.00
CA LEU D 34 35.36 21.76 12.97
C LEU D 34 35.45 23.27 12.97
N GLN D 35 35.53 23.87 11.79
CA GLN D 35 35.70 25.33 11.71
C GLN D 35 34.52 26.04 12.40
N LEU D 36 34.84 27.11 13.17
CA LEU D 36 33.78 27.90 13.75
C LEU D 36 32.95 28.55 12.67
N VAL D 37 31.63 28.56 12.88
CA VAL D 37 30.67 29.15 11.95
C VAL D 37 29.59 29.84 12.78
N GLU D 38 28.72 30.58 12.08
CA GLU D 38 27.69 31.36 12.77
C GLU D 38 26.52 30.50 13.19
N LYS D 39 26.13 29.58 12.31
CA LYS D 39 24.90 28.84 12.51
C LYS D 39 25.03 27.41 11.97
N VAL D 40 24.06 26.59 12.36
CA VAL D 40 23.92 25.25 11.79
C VAL D 40 22.54 25.18 11.17
N ASN D 41 22.49 24.69 9.94
CA ASN D 41 21.25 24.46 9.21
C ASN D 41 21.04 22.96 9.14
N ILE D 42 19.90 22.49 9.61
CA ILE D 42 19.61 21.06 9.71
C ILE D 42 18.52 20.75 8.70
N LEU D 43 18.83 19.80 7.82
CA LEU D 43 17.93 19.38 6.75
C LEU D 43 17.68 17.90 6.84
N ASN D 44 16.42 17.51 6.61
CA ASN D 44 16.03 16.11 6.58
C ASN D 44 16.09 15.74 5.11
N GLY D 45 17.05 14.88 4.76
CA GLY D 45 17.45 14.64 3.39
C GLY D 45 18.92 14.95 3.17
N ALA D 46 19.40 14.52 1.99
CA ALA D 46 20.81 14.70 1.61
C ALA D 46 20.97 15.83 0.59
N ASP D 53 28.80 29.76 1.01
CA ASP D 53 29.59 30.33 2.12
C ASP D 53 29.41 29.47 3.38
N SER D 54 29.30 28.16 3.20
CA SER D 54 29.25 27.25 4.33
C SER D 54 30.60 26.54 4.45
N ALA D 55 30.94 26.14 5.68
CA ALA D 55 32.24 25.59 6.01
C ALA D 55 32.30 24.06 6.04
N TRP D 56 31.22 23.39 6.41
CA TRP D 56 31.26 21.94 6.52
C TRP D 56 29.83 21.40 6.47
N ARG D 57 29.74 20.14 6.05
CA ARG D 57 28.50 19.39 6.09
C ARG D 57 28.77 18.12 6.88
N LEU D 58 27.86 17.78 7.77
CA LEU D 58 27.84 16.48 8.42
C LEU D 58 26.54 15.79 8.03
N GLN D 59 26.59 14.48 7.89
CA GLN D 59 25.34 13.77 7.60
C GLN D 59 25.35 12.41 8.28
N GLY D 60 24.14 11.92 8.56
CA GLY D 60 23.94 10.61 9.13
C GLY D 60 22.51 10.17 8.94
N PHE D 61 22.28 8.89 9.26
CA PHE D 61 20.95 8.32 9.18
C PHE D 61 20.51 7.78 10.55
N ALA D 62 19.19 7.84 10.77
CA ALA D 62 18.55 7.16 11.87
C ALA D 62 18.44 5.69 11.50
N SER D 63 18.72 4.84 12.47
CA SER D 63 18.81 3.41 12.18
C SER D 63 18.20 2.61 13.33
N ASN D 64 18.28 1.28 13.19
CA ASN D 64 17.81 0.33 14.19
C ASN D 64 18.76 0.28 15.40
N ILE D 65 18.19 -0.19 16.50
CA ILE D 65 18.92 -0.43 17.75
C ILE D 65 20.02 -1.49 17.57
N ARG D 66 21.22 -1.18 18.03
CA ARG D 66 22.43 -1.98 17.97
C ARG D 66 22.83 -2.69 19.26
N TYR D 67 22.47 -2.14 20.49
CA TYR D 67 22.94 -2.66 21.75
C TYR D 67 21.84 -2.77 22.80
N ALA D 68 20.88 -1.85 22.80
CA ALA D 68 19.95 -1.83 23.93
C ALA D 68 19.03 -3.06 23.88
N ILE D 69 18.83 -3.65 25.04
CA ILE D 69 17.96 -4.81 25.18
C ILE D 69 16.55 -4.34 25.51
N ARG D 70 15.56 -5.24 25.43
CA ARG D 70 14.17 -4.83 25.61
C ARG D 70 13.94 -4.08 26.91
N THR D 71 14.47 -4.56 28.03
CA THR D 71 14.18 -3.89 29.30
C THR D 71 14.78 -2.51 29.35
N GLU D 72 15.88 -2.29 28.63
CA GLU D 72 16.46 -0.95 28.58
C GLU D 72 15.62 -0.04 27.69
N LEU D 73 15.15 -0.57 26.54
CA LEU D 73 14.22 0.20 25.73
C LEU D 73 12.99 0.58 26.54
N GLU D 74 12.48 -0.36 27.34
CA GLU D 74 11.29 -0.08 28.10
C GLU D 74 11.57 1.07 29.08
N ALA D 75 12.74 1.04 29.74
CA ALA D 75 13.07 2.10 30.69
C ALA D 75 13.23 3.46 29.99
N LEU D 76 13.89 3.48 28.83
CA LEU D 76 14.09 4.69 28.04
C LEU D 76 12.75 5.23 27.54
N GLN D 77 11.88 4.36 27.01
CA GLN D 77 10.58 4.79 26.51
C GLN D 77 9.73 5.40 27.61
N ALA D 78 9.88 4.94 28.85
CA ALA D 78 9.03 5.45 29.92
C ALA D 78 9.36 6.89 30.26
N VAL D 79 10.59 7.34 30.03
CA VAL D 79 11.02 8.64 30.53
C VAL D 79 11.60 9.56 29.46
N GLN D 80 12.01 9.09 28.28
CA GLN D 80 12.74 9.98 27.37
C GLN D 80 11.80 11.02 26.77
N PRO D 81 12.20 12.29 26.74
CA PRO D 81 11.32 13.36 26.23
C PRO D 81 11.32 13.40 24.70
N MET D 82 10.29 14.05 24.18
CA MET D 82 10.22 14.34 22.75
C MET D 82 11.23 15.41 22.35
N LEU D 83 11.63 15.41 21.08
CA LEU D 83 12.35 16.53 20.50
C LEU D 83 11.40 17.72 20.32
N ASN D 84 12.00 18.91 20.31
CA ASN D 84 11.27 20.15 20.02
C ASN D 84 10.29 20.53 21.13
N ARG D 85 10.63 20.23 22.39
CA ARG D 85 9.93 20.87 23.49
C ARG D 85 10.15 22.38 23.43
N ALA D 86 9.15 23.13 23.90
CA ALA D 86 9.23 24.57 23.81
C ALA D 86 10.40 25.09 24.64
N GLU D 87 10.69 24.44 25.75
CA GLU D 87 11.73 24.98 26.61
C GLU D 87 13.13 24.55 26.19
N ALA D 88 13.25 23.62 25.24
CA ALA D 88 14.52 23.00 24.91
C ALA D 88 15.25 23.90 23.90
N ILE D 89 15.70 25.06 24.40
CA ILE D 89 16.27 26.07 23.52
C ILE D 89 17.77 25.90 23.34
N LEU D 90 18.42 25.05 24.13
CA LEU D 90 19.83 24.74 23.95
C LEU D 90 20.00 23.35 23.34
N ALA D 91 21.05 23.23 22.54
CA ALA D 91 21.36 21.93 21.97
C ALA D 91 22.88 21.74 21.89
N VAL D 92 23.30 20.50 21.63
CA VAL D 92 24.70 20.21 21.40
C VAL D 92 24.73 19.08 20.39
N LEU D 93 25.46 19.33 19.32
CA LEU D 93 25.75 18.33 18.31
C LEU D 93 27.17 17.84 18.56
N ILE D 94 27.31 16.54 18.76
CA ILE D 94 28.59 15.92 19.10
C ILE D 94 28.91 14.81 18.09
N PRO D 95 29.66 15.14 17.05
CA PRO D 95 30.17 14.08 16.15
C PRO D 95 31.28 13.29 16.83
N ILE D 96 31.20 11.96 16.70
CA ILE D 96 32.11 11.06 17.39
C ILE D 96 32.67 10.04 16.40
N LYS D 97 33.93 9.69 16.54
CA LYS D 97 34.53 8.60 15.73
C LYS D 97 35.20 7.63 16.68
N LYS D 98 34.94 6.34 16.49
CA LYS D 98 35.58 5.30 17.28
C LYS D 98 36.69 4.62 16.46
N SER D 99 37.59 3.94 17.18
CA SER D 99 38.82 3.40 16.63
C SER D 99 38.56 2.14 15.81
N ALA D 100 39.50 1.85 14.91
CA ALA D 100 39.43 0.61 14.16
C ALA D 100 39.37 -0.59 15.09
N GLN D 101 40.08 -0.53 16.22
CA GLN D 101 40.06 -1.63 17.19
C GLN D 101 38.66 -1.87 17.74
N TRP D 102 37.88 -0.81 17.94
CA TRP D 102 36.51 -0.97 18.34
C TRP D 102 35.73 -1.74 17.27
N TRP D 103 35.80 -1.26 16.05
CA TRP D 103 34.97 -1.81 14.96
C TRP D 103 35.32 -3.25 14.65
N GLU D 104 36.55 -3.69 14.95
CA GLU D 104 36.89 -5.09 14.64
C GLU D 104 36.37 -6.03 15.74
N MET D 105 35.94 -5.50 16.89
CA MET D 105 35.41 -6.37 17.94
C MET D 105 34.09 -6.98 17.48
N ALA D 106 33.82 -8.18 18.00
CA ALA D 106 32.56 -8.88 17.83
C ALA D 106 31.44 -8.20 18.60
N GLN D 107 30.20 -8.64 18.35
CA GLN D 107 29.03 -7.98 18.93
C GLN D 107 29.01 -8.10 20.44
N ASP D 108 29.37 -9.27 20.97
CA ASP D 108 29.32 -9.47 22.40
C ASP D 108 30.38 -8.61 23.09
N GLU D 109 31.57 -8.51 22.50
CA GLU D 109 32.64 -7.70 23.05
C GLU D 109 32.27 -6.22 23.14
N ARG D 110 31.65 -5.69 22.08
CA ARG D 110 31.23 -4.29 22.08
C ARG D 110 30.09 -4.06 23.05
N ARG D 111 29.12 -4.94 23.13
CA ARG D 111 28.02 -4.77 24.05
C ARG D 111 28.54 -4.79 25.47
N ASP D 112 29.51 -5.68 25.77
CA ASP D 112 30.04 -5.76 27.12
C ASP D 112 30.72 -4.47 27.50
N ILE D 113 31.41 -3.83 26.55
CA ILE D 113 32.08 -2.56 26.89
C ILE D 113 31.03 -1.46 27.03
N PHE D 114 30.08 -1.42 26.12
CA PHE D 114 29.09 -0.34 26.07
C PHE D 114 28.24 -0.28 27.32
N GLU D 115 27.70 -1.41 27.77
CA GLU D 115 26.81 -1.40 28.93
C GLU D 115 27.37 -2.06 30.17
N ARG D 116 27.86 -3.31 30.11
CA ARG D 116 28.32 -3.97 31.32
C ARG D 116 29.46 -3.21 31.98
N GLU D 117 30.41 -2.73 31.17
CA GLU D 117 31.53 -1.98 31.73
C GLU D 117 31.27 -0.48 31.86
N SER D 118 30.69 0.16 30.85
CA SER D 118 30.53 1.62 30.79
C SER D 118 29.16 2.13 31.20
N HIS D 119 28.16 1.26 31.30
CA HIS D 119 26.84 1.63 31.79
C HIS D 119 26.25 2.81 31.01
N HIS D 120 26.47 2.82 29.68
CA HIS D 120 26.07 3.93 28.83
C HIS D 120 24.61 4.29 29.02
N THR D 121 23.74 3.27 28.95
CA THR D 121 22.30 3.52 29.11
C THR D 121 21.95 3.85 30.56
N ALA D 122 22.51 3.12 31.51
CA ALA D 122 22.11 3.34 32.90
C ALA D 122 22.50 4.74 33.33
N VAL D 123 23.69 5.18 32.95
CA VAL D 123 24.16 6.52 33.26
C VAL D 123 23.31 7.56 32.51
N GLY D 124 23.10 7.37 31.22
CA GLY D 124 22.33 8.35 30.48
C GLY D 124 20.93 8.53 31.05
N LEU D 125 20.30 7.44 31.48
CA LEU D 125 18.94 7.56 32.03
C LEU D 125 18.90 8.50 33.22
N GLU D 126 20.03 8.70 33.89
CA GLU D 126 20.02 9.58 35.05
C GLU D 126 19.75 11.02 34.67
N TYR D 127 19.93 11.37 33.41
CA TYR D 127 19.81 12.71 32.87
C TYR D 127 18.53 12.91 32.09
N LEU D 128 17.61 11.93 32.13
CA LEU D 128 16.29 12.08 31.59
C LEU D 128 15.31 12.30 32.72
N PRO D 129 14.26 13.11 32.49
CA PRO D 129 13.83 13.65 31.19
C PRO D 129 14.47 14.96 30.76
N GLY D 130 15.40 15.52 31.54
CA GLY D 130 15.94 16.83 31.18
C GLY D 130 16.44 16.87 29.73
N VAL D 131 17.20 15.86 29.36
CA VAL D 131 17.93 15.84 28.08
C VAL D 131 17.19 14.95 27.09
N ALA D 132 16.86 15.50 25.92
CA ALA D 132 16.33 14.77 24.78
C ALA D 132 17.48 14.51 23.83
N ARG D 133 17.41 13.40 23.09
CA ARG D 133 18.52 13.07 22.19
C ARG D 133 18.03 12.45 20.89
N ARG D 134 18.93 12.47 19.88
CA ARG D 134 18.75 11.69 18.64
C ARG D 134 20.11 11.18 18.20
N LEU D 135 20.18 9.87 17.95
CA LEU D 135 21.40 9.22 17.53
C LEU D 135 21.33 9.00 16.02
N LEU D 136 22.36 9.46 15.30
CA LEU D 136 22.55 9.19 13.87
C LEU D 136 23.89 8.51 13.61
N HIS D 137 23.87 7.61 12.61
CA HIS D 137 25.02 6.81 12.25
C HIS D 137 25.58 7.27 10.90
N CYS D 138 26.91 7.26 10.76
CA CYS D 138 27.45 7.68 9.48
C CYS D 138 28.74 6.98 9.07
N ARG D 139 29.32 6.12 9.90
CA ARG D 139 30.48 5.37 9.45
C ARG D 139 30.19 4.72 8.11
N ASP D 140 28.97 4.17 8.00
CA ASP D 140 28.62 3.38 6.80
C ASP D 140 28.45 4.24 5.55
N LEU D 141 28.33 5.53 5.64
CA LEU D 141 28.32 6.49 4.56
C LEU D 141 29.75 6.88 4.14
N GLY D 142 30.80 6.38 4.79
CA GLY D 142 32.16 6.85 4.57
C GLY D 142 32.45 8.24 5.03
N GLU D 143 31.68 8.74 6.00
CA GLU D 143 31.94 10.02 6.63
C GLU D 143 33.18 9.93 7.51
N GLU D 144 33.68 11.13 7.88
CA GLU D 144 34.87 11.22 8.72
C GLU D 144 34.54 10.86 10.17
N PHE D 145 33.32 11.11 10.61
CA PHE D 145 32.87 10.67 11.91
C PHE D 145 32.07 9.40 11.73
N ASP D 146 31.89 8.70 12.84
CA ASP D 146 31.04 7.50 12.86
C ASP D 146 29.61 7.75 13.29
N PHE D 147 29.39 8.73 14.18
CA PHE D 147 28.08 9.01 14.74
C PHE D 147 27.91 10.52 14.80
N LEU D 148 26.68 10.96 14.62
CA LEU D 148 26.28 12.30 15.03
C LEU D 148 25.28 12.15 16.14
N THR D 149 25.65 12.66 17.32
CA THR D 149 24.78 12.61 18.48
C THR D 149 24.24 14.02 18.68
N TRP D 150 23.01 14.10 19.13
CA TRP D 150 22.30 15.36 19.26
C TRP D 150 21.58 15.35 20.59
N PHE D 151 21.72 16.45 21.35
CA PHE D 151 21.09 16.59 22.65
C PHE D 151 20.46 17.97 22.77
N GLU D 152 19.31 18.03 23.40
CA GLU D 152 18.67 19.33 23.54
C GLU D 152 17.91 19.38 24.86
N PHE D 153 17.90 20.58 25.46
CA PHE D 153 17.47 20.73 26.84
C PHE D 153 17.31 22.22 27.18
N ALA D 154 16.57 22.46 28.26
CA ALA D 154 16.45 23.81 28.86
C ALA D 154 17.73 24.21 29.58
N PRO D 155 17.95 25.51 29.78
CA PRO D 155 19.18 25.93 30.46
C PRO D 155 19.32 25.39 31.88
N GLU D 156 18.24 25.08 32.59
CA GLU D 156 18.36 24.51 33.93
C GLU D 156 19.06 23.17 33.98
N HIS D 157 19.20 22.50 32.83
CA HIS D 157 19.86 21.20 32.74
C HIS D 157 21.27 21.30 32.16
N SER D 158 21.76 22.51 31.87
CA SER D 158 23.09 22.66 31.28
C SER D 158 24.16 22.07 32.20
N SER D 159 24.09 22.42 33.49
CA SER D 159 25.11 21.90 34.40
C SER D 159 25.09 20.38 34.45
N ALA D 160 23.89 19.79 34.42
CA ALA D 160 23.77 18.34 34.54
C ALA D 160 24.30 17.69 33.28
N PHE D 161 24.07 18.36 32.15
CA PHE D 161 24.60 17.83 30.89
C PHE D 161 26.12 17.85 30.88
N ASN D 162 26.71 18.95 31.37
CA ASN D 162 28.17 18.99 31.47
C ASN D 162 28.71 17.90 32.38
N GLU D 163 28.00 17.63 33.48
CA GLU D 163 28.36 16.50 34.32
C GLU D 163 28.32 15.17 33.54
N LEU D 164 27.24 14.93 32.81
CA LEU D 164 27.13 13.71 32.00
C LEU D 164 28.34 13.57 31.10
N LEU D 165 28.62 14.60 30.30
CA LEU D 165 29.79 14.51 29.42
C LEU D 165 31.03 14.07 30.18
N LEU D 166 31.28 14.65 31.37
CA LEU D 166 32.49 14.25 32.03
C LEU D 166 32.42 12.80 32.50
N ARG D 167 31.24 12.32 32.88
CA ARG D 167 31.16 10.92 33.27
C ARG D 167 31.42 10.01 32.08
N MET D 168 30.84 10.33 30.92
CA MET D 168 30.97 9.48 29.72
CA MET D 168 31.00 9.43 29.76
C MET D 168 32.43 9.41 29.27
N ARG D 169 33.12 10.55 29.30
CA ARG D 169 34.47 10.54 28.79
C ARG D 169 35.46 9.84 29.69
N ALA D 170 35.03 9.41 30.88
CA ALA D 170 35.84 8.63 31.78
C ALA D 170 35.64 7.13 31.64
N SER D 171 34.73 6.71 30.77
CA SER D 171 34.35 5.31 30.72
C SER D 171 35.28 4.51 29.82
N LYS D 172 35.20 3.19 29.98
CA LYS D 172 35.91 2.28 29.09
C LYS D 172 35.54 2.50 27.63
N GLU D 173 34.25 2.75 27.36
CA GLU D 173 33.80 2.99 25.98
C GLU D 173 34.60 4.13 25.35
N TRP D 174 34.83 5.19 26.11
CA TRP D 174 35.50 6.36 25.58
C TRP D 174 36.98 6.16 25.33
N GLU D 175 37.59 5.09 25.82
CA GLU D 175 38.96 4.78 25.44
C GLU D 175 39.09 4.41 23.96
N TYR D 176 37.98 4.13 23.31
CA TYR D 176 38.01 3.80 21.90
C TYR D 176 37.60 4.99 21.03
N VAL D 177 37.31 6.13 21.63
CA VAL D 177 36.93 7.30 20.86
C VAL D 177 38.19 7.99 20.40
N GLU D 178 38.27 8.28 19.11
CA GLU D 178 39.48 8.86 18.53
C GLU D 178 39.27 10.23 17.89
N ARG D 179 38.04 10.67 17.72
CA ARG D 179 37.76 12.04 17.31
C ARG D 179 36.44 12.47 17.89
N GLU D 180 36.38 13.72 18.39
CA GLU D 180 35.17 14.19 19.06
C GLU D 180 35.15 15.71 19.00
N VAL D 181 33.99 16.29 18.64
CA VAL D 181 33.79 17.73 18.62
C VAL D 181 32.43 18.04 19.25
N GLU D 182 32.37 19.13 20.03
CA GLU D 182 31.11 19.60 20.58
C GLU D 182 30.74 20.90 19.90
N VAL D 183 29.58 20.96 19.29
CA VAL D 183 29.01 22.16 18.71
C VAL D 183 27.79 22.55 19.54
N TRP D 184 27.97 23.60 20.37
CA TRP D 184 26.91 24.08 21.24
C TRP D 184 26.06 25.09 20.47
N LEU D 185 24.74 24.91 20.57
CA LEU D 185 23.76 25.65 19.77
C LEU D 185 22.67 26.26 20.66
N LYS D 186 22.07 27.32 20.13
CA LYS D 186 20.91 27.99 20.74
C LYS D 186 19.84 28.11 19.66
N ARG D 187 18.61 27.76 20.02
CA ARG D 187 17.53 27.71 19.03
C ARG D 187 17.11 29.12 18.64
N LEU D 188 17.02 29.38 17.34
CA LEU D 188 16.64 30.71 16.86
C LEU D 188 15.12 30.86 16.80
#